data_3EYF
#
_entry.id   3EYF
#
_cell.length_a   63.300
_cell.length_b   103.500
_cell.length_c   152.500
_cell.angle_alpha   90.00
_cell.angle_beta   90.00
_cell.angle_gamma   90.00
#
_symmetry.space_group_name_H-M   'P 21 21 21'
#
loop_
_entity.id
_entity.type
_entity.pdbx_description
1 polymer '8f9 Fab'
2 polymer AD-2
3 polymer 'Synthetic peptide'
4 non-polymer GLYCEROL
5 water water
#
loop_
_entity_poly.entity_id
_entity_poly.type
_entity_poly.pdbx_seq_one_letter_code
_entity_poly.pdbx_strand_id
1 'polypeptide(L)'
;MEIVLTQSPATLSLSPGERATLSCRASQSVGGYLTWYQHKPGQAPRLLIFDASIRATGIPARFSGSGSGTDFTLTITRLE
PEDFAVYYCQQRSMWPPVTFGQGTKLEIKRTVAAPSVFIFPPSDEQLKSGTASVVCLLNNFYPREAKVQWKVDNALQSGN
SQESVTEQDSKDSTYSLSSTLTLSKADYEKHKVYACEVTHQGLSSPVTKSFNRGEC
;
A,C
2 'polypeptide(L)'
;QVRLVESGGGVVQPGGSLRLSCEGSGFKFGDHGIHWVRQAPGEGLQWLTVISSDGTDERYTDSVKGRFTISRDNSKNTMS
LQMNNLRPEDMGLYYCARDGKCGGGRCYSGLLDYWGQGTMVTVSSASFKGPSVFPLAPSSKSTSGGTAALGCLVKDYFPE
PVTVSWNSGALTSGVHTFPAVLQSSGLYSLSSVVTVPSSSLGTQTYICNVNHKPSNTKVDKKVEPKSCDKTHTGLEHHHH
HH
;
B,D
3 'polypeptide(L)' ETIYNTTLKY(NH2) E,F
#
loop_
_chem_comp.id
_chem_comp.type
_chem_comp.name
_chem_comp.formula
GOL non-polymer GLYCEROL 'C3 H8 O3'
NH2 non-polymer 'AMINO GROUP' 'H2 N'
#
# COMPACT_ATOMS: atom_id res chain seq x y z
N MET A 1 15.38 -15.09 19.14
CA MET A 1 16.21 -14.58 18.00
C MET A 1 15.63 -15.00 16.69
N GLU A 2 15.00 -16.14 16.76
CA GLU A 2 14.43 -16.83 15.64
C GLU A 2 14.43 -18.13 16.34
N ILE A 3 13.34 -18.80 16.12
CA ILE A 3 13.13 -20.00 16.79
C ILE A 3 13.56 -21.17 16.03
N VAL A 4 14.62 -21.80 16.52
CA VAL A 4 14.90 -23.00 15.83
C VAL A 4 14.13 -24.18 16.27
N LEU A 5 13.54 -24.73 15.21
CA LEU A 5 12.72 -25.90 15.28
C LEU A 5 13.51 -27.13 14.94
N THR A 6 13.29 -28.16 15.73
CA THR A 6 13.98 -29.40 15.49
C THR A 6 13.00 -30.54 15.39
N GLN A 7 13.11 -31.31 14.32
CA GLN A 7 12.22 -32.43 14.13
C GLN A 7 12.88 -33.75 14.30
N SER A 8 12.16 -34.64 14.93
CA SER A 8 12.66 -35.95 15.17
C SER A 8 11.52 -36.98 15.09
N PRO A 9 11.79 -38.11 14.45
CA PRO A 9 13.06 -38.48 13.81
C PRO A 9 13.14 -37.90 12.39
N ALA A 10 14.27 -38.07 11.73
CA ALA A 10 14.41 -37.53 10.39
C ALA A 10 13.64 -38.41 9.43
N THR A 11 13.73 -39.70 9.66
CA THR A 11 12.97 -40.62 8.85
C THR A 11 12.27 -41.56 9.77
N LEU A 12 11.02 -41.77 9.44
CA LEU A 12 10.19 -42.62 10.23
C LEU A 12 9.67 -43.72 9.35
N SER A 13 10.00 -44.96 9.68
CA SER A 13 9.50 -46.01 8.84
C SER A 13 8.61 -46.99 9.52
N LEU A 14 7.37 -46.94 9.04
CA LEU A 14 6.27 -47.70 9.58
C LEU A 14 5.41 -48.36 8.53
N SER A 15 4.51 -49.17 9.03
CA SER A 15 3.61 -49.94 8.23
C SER A 15 2.24 -49.35 8.31
N PRO A 16 1.44 -49.47 7.22
CA PRO A 16 0.07 -48.95 7.17
C PRO A 16 -0.72 -49.67 8.23
N GLY A 17 -1.39 -48.89 9.08
CA GLY A 17 -2.16 -49.48 10.15
C GLY A 17 -1.52 -49.15 11.47
N GLU A 18 -0.25 -48.73 11.47
CA GLU A 18 0.40 -48.40 12.71
C GLU A 18 0.18 -46.97 13.10
N ARG A 19 0.63 -46.67 14.30
CA ARG A 19 0.52 -45.36 14.85
C ARG A 19 1.86 -44.71 14.69
N ALA A 20 1.82 -43.48 14.23
CA ALA A 20 3.01 -42.70 14.02
C ALA A 20 3.00 -41.57 15.02
N THR A 21 4.19 -41.20 15.46
CA THR A 21 4.38 -40.19 16.46
C THR A 21 5.51 -39.32 16.01
N LEU A 22 5.23 -38.05 15.76
CA LEU A 22 6.27 -37.16 15.28
C LEU A 22 6.48 -36.00 16.20
N SER A 23 7.73 -35.61 16.37
CA SER A 23 8.01 -34.49 17.27
C SER A 23 8.72 -33.32 16.67
N CYS A 24 8.40 -32.16 17.23
CA CYS A 24 8.97 -30.90 16.85
C CYS A 24 9.38 -30.20 18.15
N ARG A 25 10.65 -29.80 18.24
CA ARG A 25 11.18 -29.09 19.41
C ARG A 25 11.53 -27.66 19.06
N ALA A 26 11.00 -26.71 19.82
CA ALA A 26 11.33 -25.31 19.58
C ALA A 26 12.53 -24.98 20.45
N SER A 27 13.24 -23.93 20.11
CA SER A 27 14.40 -23.55 20.89
C SER A 27 13.95 -22.72 22.08
N GLN A 28 12.76 -22.14 21.94
CA GLN A 28 12.15 -21.31 22.96
C GLN A 28 10.66 -21.35 22.74
N SER A 29 9.90 -21.27 23.84
CA SER A 29 8.46 -21.30 23.77
C SER A 29 7.89 -20.57 22.56
N VAL A 30 6.95 -21.25 21.93
CA VAL A 30 6.26 -20.67 20.78
C VAL A 30 4.82 -20.56 21.25
N GLY A 31 4.65 -20.83 22.55
CA GLY A 31 3.33 -20.80 23.15
C GLY A 31 2.58 -21.93 22.48
N GLY A 32 1.46 -21.61 21.85
CA GLY A 32 0.68 -22.63 21.17
C GLY A 32 0.65 -22.45 19.65
N TYR A 33 1.43 -21.50 19.14
CA TYR A 33 1.43 -21.19 17.71
C TYR A 33 2.26 -22.08 16.87
N LEU A 34 1.82 -23.32 16.78
CA LEU A 34 2.59 -24.28 16.05
C LEU A 34 1.76 -24.96 15.02
N THR A 35 2.27 -24.97 13.80
CA THR A 35 1.51 -25.57 12.76
C THR A 35 2.19 -26.72 12.12
N TRP A 36 1.38 -27.64 11.62
CA TRP A 36 1.91 -28.79 10.91
C TRP A 36 1.40 -28.82 9.49
N TYR A 37 2.31 -29.11 8.57
CA TYR A 37 1.98 -29.26 7.18
C TYR A 37 2.35 -30.64 6.68
N GLN A 38 1.61 -31.10 5.68
CA GLN A 38 1.92 -32.36 5.05
C GLN A 38 2.44 -32.02 3.67
N HIS A 39 3.51 -32.68 3.27
CA HIS A 39 4.05 -32.43 1.96
C HIS A 39 4.37 -33.68 1.13
N LYS A 40 3.68 -33.79 0.02
CA LYS A 40 3.94 -34.87 -0.91
C LYS A 40 4.77 -34.32 -2.06
N PRO A 41 5.58 -35.18 -2.69
CA PRO A 41 6.47 -34.84 -3.80
C PRO A 41 5.79 -34.25 -5.01
N GLY A 42 6.19 -33.02 -5.29
CA GLY A 42 5.61 -32.30 -6.40
C GLY A 42 4.14 -31.98 -6.19
N GLN A 43 3.67 -31.97 -4.95
CA GLN A 43 2.31 -31.55 -4.72
C GLN A 43 2.48 -30.34 -3.86
N ALA A 44 1.44 -29.56 -3.78
CA ALA A 44 1.46 -28.39 -2.97
C ALA A 44 1.39 -28.81 -1.50
N PRO A 45 2.21 -28.19 -0.63
CA PRO A 45 2.17 -28.51 0.79
C PRO A 45 0.75 -28.17 1.25
N ARG A 46 0.36 -28.85 2.31
CA ARG A 46 -0.96 -28.75 2.82
C ARG A 46 -1.01 -28.59 4.32
N LEU A 47 -1.90 -27.70 4.73
CA LEU A 47 -2.15 -27.43 6.14
C LEU A 47 -2.94 -28.56 6.72
N LEU A 48 -2.43 -29.06 7.84
CA LEU A 48 -3.07 -30.16 8.54
C LEU A 48 -3.62 -29.71 9.83
N ILE A 49 -2.69 -29.27 10.67
CA ILE A 49 -2.99 -28.82 12.01
C ILE A 49 -2.39 -27.49 12.30
N PHE A 50 -3.23 -26.65 12.90
CA PHE A 50 -2.76 -25.36 13.33
C PHE A 50 -3.02 -25.20 14.81
N ASP A 51 -2.34 -24.22 15.37
CA ASP A 51 -2.37 -23.93 16.82
C ASP A 51 -2.19 -25.17 17.64
N ALA A 52 -1.18 -25.94 17.24
CA ALA A 52 -0.82 -27.19 17.88
C ALA A 52 -1.81 -28.31 17.83
N SER A 53 -3.09 -27.99 18.00
CA SER A 53 -4.06 -29.07 18.13
C SER A 53 -5.33 -29.01 17.33
N ILE A 54 -5.45 -28.00 16.47
CA ILE A 54 -6.66 -27.87 15.67
C ILE A 54 -6.59 -28.39 14.26
N ARG A 55 -7.46 -29.35 13.99
CA ARG A 55 -7.57 -29.96 12.68
C ARG A 55 -8.12 -28.98 11.71
N ALA A 56 -7.39 -28.80 10.60
CA ALA A 56 -7.92 -27.91 9.59
C ALA A 56 -9.03 -28.65 8.83
N THR A 57 -9.67 -27.91 7.95
CA THR A 57 -10.82 -28.38 7.18
C THR A 57 -10.44 -29.42 6.19
N GLY A 58 -11.18 -30.53 6.20
CA GLY A 58 -10.90 -31.60 5.25
C GLY A 58 -9.94 -32.62 5.80
N ILE A 59 -9.15 -32.23 6.80
CA ILE A 59 -8.19 -33.12 7.42
C ILE A 59 -8.89 -34.17 8.27
N PRO A 60 -8.66 -35.46 7.98
CA PRO A 60 -9.29 -36.52 8.74
C PRO A 60 -8.78 -36.64 10.16
N ALA A 61 -9.59 -37.34 10.94
CA ALA A 61 -9.42 -37.51 12.36
C ALA A 61 -8.27 -38.30 12.86
N ARG A 62 -7.74 -39.14 11.99
CA ARG A 62 -6.60 -39.91 12.36
C ARG A 62 -5.39 -38.97 12.67
N PHE A 63 -5.45 -37.70 12.26
CA PHE A 63 -4.37 -36.75 12.55
C PHE A 63 -4.59 -35.98 13.87
N SER A 64 -3.63 -36.11 14.78
CA SER A 64 -3.75 -35.46 16.07
C SER A 64 -2.56 -34.64 16.43
N GLY A 65 -2.81 -33.43 16.91
CA GLY A 65 -1.71 -32.59 17.31
C GLY A 65 -1.74 -32.28 18.79
N SER A 66 -0.61 -32.40 19.47
CA SER A 66 -0.58 -32.04 20.89
C SER A 66 0.73 -31.38 21.27
N GLY A 67 0.68 -30.63 22.36
CA GLY A 67 1.88 -29.95 22.83
C GLY A 67 1.65 -28.53 23.23
N SER A 68 2.69 -27.96 23.81
CA SER A 68 2.68 -26.60 24.35
C SER A 68 4.12 -26.17 24.52
N GLY A 69 4.35 -24.86 24.54
CA GLY A 69 5.70 -24.36 24.74
C GLY A 69 6.79 -24.72 23.75
N THR A 70 7.61 -25.72 24.08
CA THR A 70 8.73 -26.15 23.23
C THR A 70 8.66 -27.55 22.67
N ASP A 71 7.75 -28.36 23.16
CA ASP A 71 7.67 -29.74 22.71
C ASP A 71 6.31 -30.05 22.17
N PHE A 72 6.34 -30.55 20.93
CA PHE A 72 5.11 -30.83 20.21
C PHE A 72 5.04 -32.17 19.55
N THR A 73 3.82 -32.67 19.46
CA THR A 73 3.67 -33.95 18.89
C THR A 73 2.60 -34.03 17.82
N LEU A 74 2.95 -34.72 16.74
CA LEU A 74 2.00 -34.98 15.66
C LEU A 74 1.81 -36.47 15.67
N THR A 75 0.57 -36.87 15.81
CA THR A 75 0.23 -38.27 15.88
C THR A 75 -0.73 -38.60 14.79
N ILE A 76 -0.54 -39.79 14.23
CA ILE A 76 -1.42 -40.33 13.19
C ILE A 76 -1.65 -41.74 13.65
N THR A 77 -2.90 -42.06 13.90
CA THR A 77 -3.25 -43.37 14.41
C THR A 77 -3.30 -44.55 13.47
N ARG A 78 -4.20 -44.55 12.51
CA ARG A 78 -4.25 -45.69 11.64
C ARG A 78 -3.71 -45.22 10.33
N LEU A 79 -2.40 -45.35 10.19
CA LEU A 79 -1.73 -44.93 9.00
C LEU A 79 -2.31 -45.54 7.73
N GLU A 80 -2.56 -44.70 6.74
CA GLU A 80 -2.98 -45.19 5.44
C GLU A 80 -1.84 -44.81 4.49
N PRO A 81 -1.79 -45.41 3.27
CA PRO A 81 -0.75 -45.12 2.28
C PRO A 81 -0.62 -43.70 1.91
N GLU A 82 -1.75 -43.00 1.84
CA GLU A 82 -1.56 -41.61 1.55
C GLU A 82 -1.04 -40.73 2.65
N ASP A 83 -0.72 -41.28 3.83
CA ASP A 83 -0.19 -40.46 4.92
C ASP A 83 1.31 -40.48 4.88
N PHE A 84 1.84 -41.24 3.94
CA PHE A 84 3.28 -41.35 3.78
C PHE A 84 3.75 -40.24 2.90
N ALA A 85 4.41 -39.32 3.58
CA ALA A 85 4.82 -38.08 2.98
C ALA A 85 5.84 -37.50 3.93
N VAL A 86 6.10 -36.20 3.75
CA VAL A 86 7.02 -35.47 4.61
C VAL A 86 6.18 -34.49 5.41
N TYR A 87 6.45 -34.46 6.71
CA TYR A 87 5.75 -33.58 7.62
C TYR A 87 6.67 -32.54 8.22
N TYR A 88 6.24 -31.28 8.11
CA TYR A 88 7.00 -30.15 8.63
C TYR A 88 6.28 -29.42 9.71
N CYS A 89 7.04 -28.92 10.69
CA CYS A 89 6.40 -28.13 11.71
C CYS A 89 6.81 -26.71 11.40
N GLN A 90 5.98 -25.79 11.84
CA GLN A 90 6.18 -24.38 11.60
C GLN A 90 5.68 -23.57 12.78
N GLN A 91 6.30 -22.43 12.94
CA GLN A 91 6.02 -21.56 14.04
C GLN A 91 5.58 -20.18 13.58
N ARG A 92 4.63 -19.60 14.30
CA ARG A 92 4.20 -18.24 14.01
C ARG A 92 4.18 -17.41 15.29
N SER A 93 4.90 -17.84 16.31
CA SER A 93 4.90 -17.07 17.54
C SER A 93 5.79 -15.85 17.53
N MET A 94 6.95 -15.98 16.91
CA MET A 94 7.94 -14.93 16.88
C MET A 94 8.48 -14.79 15.47
N TRP A 95 7.91 -13.87 14.71
CA TRP A 95 8.39 -13.68 13.38
C TRP A 95 8.36 -12.21 12.95
N PRO A 96 9.11 -11.85 11.89
CA PRO A 96 10.00 -12.66 11.06
C PRO A 96 11.37 -13.07 11.64
N PRO A 97 11.99 -14.15 11.13
CA PRO A 97 11.49 -15.01 10.04
C PRO A 97 10.51 -16.07 10.49
N VAL A 98 9.63 -16.45 9.57
CA VAL A 98 8.75 -17.58 9.88
C VAL A 98 9.76 -18.71 9.81
N THR A 99 9.61 -19.68 10.68
CA THR A 99 10.58 -20.72 10.68
C THR A 99 10.01 -22.13 10.62
N PHE A 100 10.75 -23.01 9.97
CA PHE A 100 10.29 -24.38 9.84
C PHE A 100 11.28 -25.34 10.39
N GLY A 101 10.75 -26.55 10.58
CA GLY A 101 11.53 -27.71 10.98
C GLY A 101 12.16 -28.23 9.70
N GLN A 102 13.11 -29.14 9.87
CA GLN A 102 13.85 -29.71 8.76
C GLN A 102 13.10 -30.80 8.02
N GLY A 103 11.98 -31.23 8.61
CA GLY A 103 11.17 -32.27 8.04
C GLY A 103 11.43 -33.66 8.54
N THR A 104 10.33 -34.41 8.67
CA THR A 104 10.41 -35.80 9.03
C THR A 104 9.74 -36.52 7.91
N LYS A 105 10.42 -37.54 7.46
CA LYS A 105 9.89 -38.30 6.38
C LYS A 105 9.34 -39.59 6.90
N LEU A 106 8.12 -39.83 6.46
CA LEU A 106 7.43 -41.00 6.87
C LEU A 106 7.40 -41.95 5.67
N GLU A 107 7.99 -43.10 5.89
CA GLU A 107 8.18 -44.08 4.83
C GLU A 107 7.61 -45.43 5.13
N ILE A 108 7.24 -46.14 4.06
CA ILE A 108 6.71 -47.47 4.23
C ILE A 108 7.67 -48.56 4.58
N LYS A 109 7.38 -49.18 5.72
CA LYS A 109 8.12 -50.32 6.17
C LYS A 109 7.45 -51.53 5.53
N ARG A 110 8.34 -52.35 5.07
CA ARG A 110 8.09 -53.46 4.21
C ARG A 110 9.11 -54.48 4.66
N THR A 111 8.92 -55.70 4.20
CA THR A 111 9.87 -56.75 4.48
C THR A 111 11.11 -56.46 3.63
N VAL A 112 12.21 -57.04 4.05
CA VAL A 112 13.46 -56.88 3.36
C VAL A 112 13.40 -57.59 2.02
N ALA A 113 13.86 -56.89 1.00
CA ALA A 113 13.88 -57.45 -0.31
C ALA A 113 15.21 -57.08 -0.82
N ALA A 114 15.91 -58.09 -1.31
CA ALA A 114 17.20 -57.94 -1.90
C ALA A 114 17.07 -57.46 -3.35
N PRO A 115 18.05 -56.67 -3.80
CA PRO A 115 18.04 -56.14 -5.17
C PRO A 115 18.47 -57.10 -6.24
N SER A 116 17.96 -56.87 -7.44
CA SER A 116 18.43 -57.57 -8.62
C SER A 116 19.50 -56.62 -9.12
N VAL A 117 20.67 -57.16 -9.43
CA VAL A 117 21.77 -56.33 -9.86
C VAL A 117 22.16 -56.60 -11.29
N PHE A 118 22.32 -55.52 -12.07
CA PHE A 118 22.77 -55.65 -13.46
C PHE A 118 23.82 -54.65 -13.78
N ILE A 119 24.73 -55.05 -14.66
CA ILE A 119 25.77 -54.16 -15.13
C ILE A 119 25.63 -53.94 -16.64
N PHE A 120 25.87 -52.70 -17.01
CA PHE A 120 25.81 -52.26 -18.40
C PHE A 120 27.06 -51.59 -18.84
N PRO A 121 27.61 -52.09 -19.94
CA PRO A 121 28.82 -51.47 -20.44
C PRO A 121 28.53 -50.29 -21.34
N PRO A 122 29.56 -49.48 -21.57
CA PRO A 122 29.40 -48.32 -22.44
C PRO A 122 29.17 -48.78 -23.87
N SER A 123 28.47 -47.95 -24.58
CA SER A 123 28.15 -48.18 -25.94
C SER A 123 29.30 -47.64 -26.79
N ASP A 124 29.52 -48.29 -27.93
CA ASP A 124 30.55 -47.90 -28.87
C ASP A 124 30.29 -46.50 -29.33
N GLU A 125 29.02 -46.27 -29.59
CA GLU A 125 28.47 -45.01 -30.00
C GLU A 125 28.97 -43.94 -29.00
N GLN A 126 28.95 -44.23 -27.69
CA GLN A 126 29.48 -43.27 -26.70
C GLN A 126 31.00 -43.19 -26.75
N LEU A 127 31.64 -44.29 -27.06
CA LEU A 127 33.10 -44.27 -27.06
C LEU A 127 33.76 -43.32 -28.05
N LYS A 128 33.20 -43.22 -29.27
CA LYS A 128 33.67 -42.30 -30.30
C LYS A 128 33.66 -40.85 -29.80
N SER A 129 32.91 -40.58 -28.72
CA SER A 129 32.90 -39.22 -28.20
C SER A 129 34.01 -39.02 -27.13
N GLY A 130 34.73 -40.07 -26.79
CA GLY A 130 35.82 -39.90 -25.84
C GLY A 130 35.53 -40.06 -24.37
N THR A 131 34.36 -40.61 -24.07
CA THR A 131 33.93 -40.84 -22.72
C THR A 131 33.23 -42.18 -22.64
N ALA A 132 33.32 -42.79 -21.48
CA ALA A 132 32.67 -44.06 -21.27
C ALA A 132 31.93 -44.05 -19.98
N SER A 133 30.69 -44.50 -20.07
CA SER A 133 29.81 -44.58 -18.95
C SER A 133 29.43 -45.99 -18.68
N VAL A 134 29.63 -46.42 -17.45
CA VAL A 134 29.25 -47.77 -17.04
C VAL A 134 28.13 -47.62 -16.05
N VAL A 135 27.06 -48.39 -16.23
CA VAL A 135 25.88 -48.32 -15.36
C VAL A 135 25.62 -49.63 -14.63
N CYS A 136 25.34 -49.46 -13.34
CA CYS A 136 25.00 -50.55 -12.44
C CYS A 136 23.62 -50.24 -11.92
N LEU A 137 22.76 -51.24 -12.04
CA LEU A 137 21.37 -51.10 -11.68
C LEU A 137 20.97 -52.02 -10.56
N LEU A 138 20.22 -51.46 -9.63
CA LEU A 138 19.77 -52.16 -8.45
C LEU A 138 18.28 -52.05 -8.42
N ASN A 139 17.61 -53.15 -8.67
CA ASN A 139 16.18 -53.16 -8.73
C ASN A 139 15.42 -53.71 -7.58
N ASN A 140 14.40 -52.95 -7.20
CA ASN A 140 13.45 -53.37 -6.22
C ASN A 140 13.95 -53.96 -4.87
N PHE A 141 14.54 -53.10 -4.06
CA PHE A 141 15.06 -53.52 -2.78
C PHE A 141 14.54 -52.77 -1.60
N TYR A 142 14.66 -53.39 -0.44
CA TYR A 142 14.26 -52.78 0.80
C TYR A 142 15.09 -53.44 1.90
N PRO A 143 15.67 -52.64 2.83
CA PRO A 143 15.56 -51.16 2.88
C PRO A 143 16.33 -50.32 1.90
N ARG A 144 16.16 -49.02 2.04
CA ARG A 144 16.74 -48.10 1.14
C ARG A 144 18.23 -48.03 1.14
N GLU A 145 18.84 -48.24 2.30
CA GLU A 145 20.29 -48.17 2.39
C GLU A 145 20.92 -49.25 1.56
N ALA A 146 21.68 -48.80 0.58
CA ALA A 146 22.42 -49.69 -0.29
C ALA A 146 23.80 -49.14 -0.51
N LYS A 147 24.69 -50.02 -0.90
CA LYS A 147 26.03 -49.63 -1.19
C LYS A 147 26.54 -50.26 -2.44
N VAL A 148 27.08 -49.38 -3.28
CA VAL A 148 27.61 -49.74 -4.55
C VAL A 148 29.06 -49.35 -4.56
N GLN A 149 29.90 -50.30 -4.92
CA GLN A 149 31.34 -50.08 -5.03
C GLN A 149 31.77 -50.47 -6.41
N TRP A 150 32.39 -49.52 -7.09
CA TRP A 150 32.92 -49.78 -8.40
C TRP A 150 34.34 -50.25 -8.31
N LYS A 151 34.61 -51.27 -9.09
CA LYS A 151 35.92 -51.88 -9.20
C LYS A 151 36.39 -52.01 -10.65
N VAL A 152 37.55 -51.42 -10.92
CA VAL A 152 38.14 -51.49 -12.23
C VAL A 152 39.49 -52.12 -12.01
N ASP A 153 39.69 -53.28 -12.66
CA ASP A 153 40.89 -54.13 -12.50
C ASP A 153 41.29 -54.13 -11.01
N ASN A 154 40.33 -54.46 -10.16
CA ASN A 154 40.37 -54.50 -8.70
C ASN A 154 40.66 -53.22 -7.96
N ALA A 155 40.83 -52.12 -8.70
CA ALA A 155 40.99 -50.85 -8.04
C ALA A 155 39.62 -50.28 -7.74
N LEU A 156 39.44 -50.00 -6.46
CA LEU A 156 38.25 -49.41 -5.99
C LEU A 156 38.19 -47.96 -6.53
N GLN A 157 37.04 -47.58 -7.09
CA GLN A 157 36.83 -46.24 -7.60
C GLN A 157 36.09 -45.35 -6.63
N SER A 158 36.58 -44.12 -6.44
CA SER A 158 35.90 -43.20 -5.57
C SER A 158 35.94 -41.81 -6.20
N GLY A 159 34.80 -41.16 -6.11
CA GLY A 159 34.63 -39.82 -6.65
C GLY A 159 34.35 -39.76 -8.14
N ASN A 160 34.27 -40.88 -8.86
CA ASN A 160 33.98 -40.79 -10.30
C ASN A 160 32.69 -41.44 -10.68
N SER A 161 31.77 -41.46 -9.73
CA SER A 161 30.48 -42.04 -9.99
C SER A 161 29.38 -41.27 -9.31
N GLN A 162 28.18 -41.39 -9.89
CA GLN A 162 27.01 -40.74 -9.35
C GLN A 162 25.86 -41.68 -9.23
N GLU A 163 25.07 -41.42 -8.21
CA GLU A 163 23.97 -42.27 -7.86
C GLU A 163 22.64 -41.59 -7.78
N SER A 164 21.59 -42.28 -8.24
CA SER A 164 20.28 -41.75 -8.01
C SER A 164 19.35 -42.86 -7.57
N VAL A 165 18.49 -42.52 -6.63
CA VAL A 165 17.55 -43.47 -6.06
C VAL A 165 16.14 -43.07 -6.41
N THR A 166 15.30 -44.05 -6.68
CA THR A 166 13.89 -43.74 -6.93
C THR A 166 13.09 -43.47 -5.66
N GLU A 167 11.94 -42.84 -5.85
CA GLU A 167 11.02 -42.61 -4.75
C GLU A 167 10.38 -43.97 -4.51
N GLN A 168 9.98 -44.21 -3.26
CA GLN A 168 9.37 -45.46 -2.87
C GLN A 168 8.21 -45.86 -3.78
N ASP A 169 8.24 -47.08 -4.28
CA ASP A 169 7.21 -47.54 -5.20
C ASP A 169 5.78 -47.58 -4.63
N SER A 170 4.86 -46.99 -5.39
CA SER A 170 3.47 -46.93 -5.01
C SER A 170 2.78 -48.28 -4.89
N LYS A 171 3.29 -49.32 -5.54
CA LYS A 171 2.64 -50.62 -5.41
C LYS A 171 3.37 -51.62 -4.54
N ASP A 172 4.68 -51.51 -4.61
CA ASP A 172 5.69 -52.38 -4.02
C ASP A 172 6.30 -51.97 -2.71
N SER A 173 6.46 -50.64 -2.61
CA SER A 173 7.12 -49.99 -1.50
C SER A 173 8.66 -50.19 -1.50
N THR A 174 9.18 -50.64 -2.64
CA THR A 174 10.61 -50.85 -2.82
C THR A 174 11.31 -49.67 -3.47
N TYR A 175 12.63 -49.73 -3.44
CA TYR A 175 13.46 -48.72 -4.07
C TYR A 175 14.26 -49.32 -5.19
N SER A 176 14.67 -48.46 -6.09
CA SER A 176 15.55 -48.85 -7.16
C SER A 176 16.64 -47.79 -7.25
N LEU A 177 17.83 -48.25 -7.65
CA LEU A 177 18.99 -47.38 -7.76
C LEU A 177 19.81 -47.54 -9.03
N SER A 178 20.25 -46.40 -9.55
CA SER A 178 21.09 -46.35 -10.73
C SER A 178 22.37 -45.65 -10.38
N SER A 179 23.47 -46.28 -10.76
CA SER A 179 24.77 -45.74 -10.48
C SER A 179 25.56 -45.65 -11.74
N THR A 180 26.21 -44.50 -11.94
CA THR A 180 27.02 -44.35 -13.12
C THR A 180 28.45 -43.99 -12.85
N LEU A 181 29.32 -44.83 -13.40
CA LEU A 181 30.76 -44.59 -13.35
C LEU A 181 31.19 -44.12 -14.74
N THR A 182 31.86 -42.97 -14.77
CA THR A 182 32.32 -42.42 -16.04
C THR A 182 33.81 -42.32 -16.05
N LEU A 183 34.33 -42.64 -17.21
CA LEU A 183 35.74 -42.72 -17.43
C LEU A 183 36.04 -42.21 -18.79
N SER A 184 37.28 -41.77 -18.98
CA SER A 184 37.71 -41.37 -20.31
C SER A 184 37.75 -42.66 -21.15
N LYS A 185 37.57 -42.48 -22.45
CA LYS A 185 37.65 -43.58 -23.40
C LYS A 185 39.00 -44.25 -23.27
N ALA A 186 40.05 -43.42 -23.18
CA ALA A 186 41.40 -43.93 -23.07
C ALA A 186 41.55 -44.79 -21.83
N ASP A 187 41.09 -44.33 -20.67
CA ASP A 187 41.15 -45.16 -19.47
C ASP A 187 40.34 -46.43 -19.61
N TYR A 188 39.19 -46.33 -20.28
CA TYR A 188 38.32 -47.48 -20.48
C TYR A 188 38.95 -48.54 -21.36
N GLU A 189 39.60 -48.09 -22.43
CA GLU A 189 40.25 -49.02 -23.32
C GLU A 189 41.54 -49.53 -22.76
N LYS A 190 42.06 -48.79 -21.78
CA LYS A 190 43.19 -49.35 -21.16
C LYS A 190 42.89 -50.41 -20.12
N HIS A 191 41.66 -50.48 -19.59
CA HIS A 191 41.40 -51.52 -18.60
C HIS A 191 40.56 -52.68 -19.02
N LYS A 192 40.54 -53.69 -18.17
CA LYS A 192 39.86 -54.90 -18.51
C LYS A 192 38.65 -55.31 -17.77
N VAL A 193 38.75 -55.43 -16.45
CA VAL A 193 37.59 -55.85 -15.68
C VAL A 193 36.85 -54.79 -14.93
N TYR A 194 35.56 -54.75 -15.28
CA TYR A 194 34.65 -53.79 -14.73
C TYR A 194 33.65 -54.44 -13.82
N ALA A 195 33.59 -53.95 -12.58
CA ALA A 195 32.73 -54.55 -11.57
C ALA A 195 31.96 -53.64 -10.64
N CYS A 196 30.73 -54.08 -10.37
CA CYS A 196 29.79 -53.39 -9.52
C CYS A 196 29.52 -54.33 -8.38
N GLU A 197 29.89 -53.90 -7.18
CA GLU A 197 29.73 -54.72 -5.99
C GLU A 197 28.72 -54.13 -5.04
N VAL A 198 27.74 -54.95 -4.73
CA VAL A 198 26.64 -54.52 -3.93
C VAL A 198 26.46 -55.13 -2.58
N THR A 199 26.26 -54.25 -1.63
CA THR A 199 26.07 -54.62 -0.25
C THR A 199 24.68 -54.17 0.18
N HIS A 200 23.97 -55.07 0.86
CA HIS A 200 22.61 -54.79 1.28
C HIS A 200 22.17 -55.81 2.31
N GLN A 201 21.26 -55.39 3.17
CA GLN A 201 20.72 -56.22 4.24
C GLN A 201 20.10 -57.55 3.80
N GLY A 202 19.52 -57.55 2.60
CA GLY A 202 18.87 -58.73 2.06
C GLY A 202 19.76 -59.73 1.38
N LEU A 203 21.06 -59.44 1.39
CA LEU A 203 21.99 -60.32 0.78
C LEU A 203 22.88 -60.81 1.88
N SER A 204 23.18 -62.10 1.86
CA SER A 204 24.03 -62.75 2.87
C SER A 204 25.45 -62.24 2.70
N SER A 205 25.82 -62.06 1.43
CA SER A 205 27.08 -61.46 1.07
C SER A 205 26.94 -60.65 -0.22
N PRO A 206 27.86 -59.67 -0.40
CA PRO A 206 27.98 -58.76 -1.52
C PRO A 206 27.88 -59.40 -2.85
N VAL A 207 27.08 -58.79 -3.71
CA VAL A 207 26.85 -59.32 -5.01
C VAL A 207 27.71 -58.55 -5.96
N THR A 208 28.42 -59.28 -6.80
CA THR A 208 29.24 -58.63 -7.76
C THR A 208 28.86 -58.97 -9.17
N LYS A 209 28.57 -57.94 -9.95
CA LYS A 209 28.33 -58.19 -11.34
C LYS A 209 29.44 -57.49 -12.06
N SER A 210 30.01 -58.22 -13.02
CA SER A 210 31.14 -57.72 -13.77
C SER A 210 31.19 -58.17 -15.18
N PHE A 211 31.92 -57.41 -15.99
CA PHE A 211 32.19 -57.79 -17.37
C PHE A 211 33.67 -57.53 -17.64
N ASN A 212 34.16 -58.19 -18.67
CA ASN A 212 35.53 -58.01 -19.12
C ASN A 212 35.37 -57.35 -20.46
N ARG A 213 36.01 -56.18 -20.61
CA ARG A 213 35.97 -55.40 -21.83
C ARG A 213 36.48 -56.23 -23.00
N GLY A 214 35.82 -56.10 -24.15
CA GLY A 214 36.15 -56.88 -25.36
C GLY A 214 35.09 -57.97 -25.27
N GLU A 215 35.38 -58.93 -24.39
CA GLU A 215 34.49 -60.00 -23.94
C GLU A 215 34.50 -61.51 -24.23
N GLN B 1 -12.04 -24.76 -5.09
CA GLN B 1 -11.94 -23.51 -5.89
C GLN B 1 -10.93 -22.43 -5.46
N VAL B 2 -10.51 -22.40 -4.18
CA VAL B 2 -9.42 -21.50 -3.76
C VAL B 2 -8.16 -22.02 -4.46
N ARG B 3 -7.57 -21.19 -5.32
CA ARG B 3 -6.36 -21.55 -6.06
C ARG B 3 -5.32 -20.45 -6.05
N LEU B 4 -4.05 -20.86 -6.18
CA LEU B 4 -2.91 -19.97 -6.25
C LEU B 4 -2.02 -20.57 -7.29
N VAL B 5 -1.56 -19.73 -8.22
CA VAL B 5 -0.72 -20.19 -9.33
C VAL B 5 0.50 -19.31 -9.52
N GLU B 6 1.64 -19.97 -9.55
CA GLU B 6 2.90 -19.30 -9.71
C GLU B 6 3.40 -19.36 -11.14
N SER B 7 4.18 -18.36 -11.54
CA SER B 7 4.72 -18.28 -12.89
C SER B 7 5.95 -17.43 -12.91
N GLY B 8 6.69 -17.52 -14.01
CA GLY B 8 7.86 -16.68 -14.16
C GLY B 8 9.19 -17.29 -13.81
N GLY B 9 9.17 -18.51 -13.34
CA GLY B 9 10.43 -19.16 -13.07
C GLY B 9 11.04 -19.58 -14.39
N GLY B 10 12.35 -19.72 -14.29
CA GLY B 10 13.17 -20.20 -15.37
C GLY B 10 14.63 -20.34 -14.94
N VAL B 11 15.46 -20.30 -15.95
CA VAL B 11 16.88 -20.44 -15.77
C VAL B 11 17.53 -19.10 -15.97
N VAL B 12 18.50 -18.82 -15.11
CA VAL B 12 19.30 -17.60 -15.22
C VAL B 12 20.70 -17.88 -14.76
N GLN B 13 21.55 -16.94 -15.08
CA GLN B 13 22.89 -17.01 -14.64
C GLN B 13 23.11 -16.27 -13.32
N PRO B 14 24.14 -16.68 -12.56
CA PRO B 14 24.46 -16.04 -11.29
C PRO B 14 24.70 -14.56 -11.53
N GLY B 15 23.96 -13.74 -10.79
CA GLY B 15 24.03 -12.31 -10.97
C GLY B 15 22.82 -11.88 -11.80
N GLY B 16 22.15 -12.87 -12.41
CA GLY B 16 20.97 -12.63 -13.22
C GLY B 16 19.78 -12.19 -12.42
N SER B 17 18.67 -11.97 -13.10
CA SER B 17 17.50 -11.48 -12.39
C SER B 17 16.23 -12.17 -12.83
N LEU B 18 15.19 -12.01 -12.01
CA LEU B 18 13.94 -12.67 -12.27
C LEU B 18 12.71 -12.04 -11.68
N ARG B 19 11.57 -12.19 -12.36
CA ARG B 19 10.34 -11.69 -11.79
C ARG B 19 9.30 -12.79 -11.73
N LEU B 20 8.89 -13.10 -10.50
CA LEU B 20 7.93 -14.15 -10.24
C LEU B 20 6.57 -13.60 -9.95
N SER B 21 5.56 -14.36 -10.33
CA SER B 21 4.20 -13.96 -10.08
C SER B 21 3.40 -15.09 -9.45
N CYS B 22 2.41 -14.69 -8.67
CA CYS B 22 1.52 -15.57 -7.96
C CYS B 22 0.13 -15.06 -8.27
N GLU B 23 -0.75 -15.95 -8.68
CA GLU B 23 -2.09 -15.54 -9.04
C GLU B 23 -3.16 -16.23 -8.23
N GLY B 24 -3.90 -15.44 -7.47
CA GLY B 24 -4.98 -16.00 -6.69
C GLY B 24 -6.34 -16.01 -7.36
N SER B 25 -7.18 -16.95 -6.92
CA SER B 25 -8.52 -17.03 -7.42
C SER B 25 -9.31 -17.91 -6.50
N GLY B 26 -10.58 -17.55 -6.32
CA GLY B 26 -11.46 -18.31 -5.46
C GLY B 26 -11.64 -17.49 -4.23
N PHE B 27 -11.07 -16.28 -4.23
CA PHE B 27 -11.16 -15.48 -3.03
C PHE B 27 -10.75 -14.06 -3.22
N LYS B 28 -11.10 -13.27 -2.22
CA LYS B 28 -10.80 -11.87 -2.21
C LYS B 28 -9.34 -11.70 -1.90
N PHE B 29 -8.58 -11.57 -2.98
CA PHE B 29 -7.14 -11.45 -2.93
C PHE B 29 -6.61 -10.52 -1.90
N GLY B 30 -7.24 -9.35 -1.85
CA GLY B 30 -6.83 -8.30 -0.93
C GLY B 30 -7.16 -8.52 0.52
N ASP B 31 -7.81 -9.65 0.80
CA ASP B 31 -8.15 -9.96 2.16
C ASP B 31 -7.06 -10.69 2.87
N HIS B 32 -6.09 -11.19 2.12
CA HIS B 32 -4.97 -11.86 2.74
C HIS B 32 -3.62 -11.41 2.24
N GLY B 33 -2.66 -11.50 3.15
CA GLY B 33 -1.26 -11.23 2.84
C GLY B 33 -0.74 -12.49 2.14
N ILE B 34 0.31 -12.35 1.35
CA ILE B 34 0.85 -13.49 0.63
C ILE B 34 2.31 -13.68 0.92
N HIS B 35 2.70 -14.93 1.07
CA HIS B 35 4.05 -15.36 1.37
C HIS B 35 4.71 -16.05 0.21
N TRP B 36 6.04 -16.12 0.33
CA TRP B 36 6.83 -16.92 -0.57
C TRP B 36 7.66 -17.78 0.30
N VAL B 37 7.70 -19.05 -0.07
CA VAL B 37 8.51 -20.02 0.60
C VAL B 37 9.21 -20.80 -0.47
N ARG B 38 10.46 -21.08 -0.16
CA ARG B 38 11.33 -21.77 -1.04
C ARG B 38 11.87 -23.06 -0.47
N GLN B 39 12.11 -23.97 -1.41
CA GLN B 39 12.68 -25.25 -1.13
C GLN B 39 13.81 -25.51 -2.09
N ALA B 40 15.00 -25.54 -1.53
CA ALA B 40 16.20 -25.83 -2.29
C ALA B 40 16.24 -27.36 -2.48
N PRO B 41 16.74 -27.83 -3.63
CA PRO B 41 16.83 -29.27 -3.98
C PRO B 41 17.48 -30.09 -2.90
N GLY B 42 16.70 -31.03 -2.38
CA GLY B 42 17.15 -31.89 -1.31
C GLY B 42 17.10 -31.23 0.05
N GLU B 43 16.39 -30.10 0.15
CA GLU B 43 16.27 -29.40 1.40
C GLU B 43 14.89 -29.24 1.85
N GLY B 44 14.73 -28.66 3.03
CA GLY B 44 13.42 -28.43 3.56
C GLY B 44 12.88 -27.11 3.05
N LEU B 45 11.95 -26.56 3.82
CA LEU B 45 11.32 -25.31 3.49
C LEU B 45 11.91 -24.13 4.23
N GLN B 46 11.94 -23.00 3.54
CA GLN B 46 12.44 -21.78 4.10
C GLN B 46 11.51 -20.65 3.72
N TRP B 47 11.24 -19.78 4.69
CA TRP B 47 10.41 -18.64 4.43
C TRP B 47 11.29 -17.54 3.84
N LEU B 48 10.71 -16.79 2.93
CA LEU B 48 11.44 -15.74 2.27
C LEU B 48 10.92 -14.35 2.52
N THR B 49 9.63 -14.19 2.25
CA THR B 49 8.96 -12.93 2.38
C THR B 49 7.44 -13.04 2.40
N VAL B 50 6.84 -11.92 2.77
CA VAL B 50 5.42 -11.78 2.79
C VAL B 50 5.12 -10.33 2.50
N ILE B 51 3.95 -10.13 1.94
CA ILE B 51 3.47 -8.80 1.73
C ILE B 51 2.10 -8.84 2.37
N SER B 52 1.69 -7.69 2.87
CA SER B 52 0.41 -7.58 3.50
C SER B 52 -0.72 -7.49 2.53
N SER B 53 -1.89 -7.78 3.08
CA SER B 53 -3.16 -7.77 2.39
C SER B 53 -3.39 -6.52 1.56
N ASP B 54 -3.04 -5.41 2.19
CA ASP B 54 -3.23 -4.07 1.64
C ASP B 54 -2.06 -3.62 0.75
N GLY B 55 -0.90 -4.23 0.95
CA GLY B 55 0.27 -3.93 0.14
C GLY B 55 1.21 -2.89 0.72
N THR B 56 0.86 -2.49 1.94
CA THR B 56 1.60 -1.48 2.67
C THR B 56 2.75 -2.03 3.46
N ASP B 57 2.64 -3.27 3.95
CA ASP B 57 3.78 -3.81 4.65
C ASP B 57 4.38 -5.01 3.97
N GLU B 58 5.69 -5.11 4.12
CA GLU B 58 6.45 -6.20 3.56
C GLU B 58 7.57 -6.55 4.50
N ARG B 59 7.90 -7.83 4.52
CA ARG B 59 8.94 -8.37 5.38
C ARG B 59 9.73 -9.29 4.52
N TYR B 60 11.03 -9.38 4.78
CA TYR B 60 11.93 -10.18 3.98
C TYR B 60 12.86 -10.89 4.94
N THR B 61 13.42 -12.02 4.53
CA THR B 61 14.35 -12.69 5.39
C THR B 61 15.70 -11.99 5.17
N ASP B 62 16.62 -12.12 6.14
CA ASP B 62 17.93 -11.48 6.12
C ASP B 62 18.69 -11.67 4.81
N SER B 63 18.80 -12.93 4.45
CA SER B 63 19.39 -13.47 3.23
C SER B 63 18.99 -12.76 1.91
N VAL B 64 17.80 -12.15 1.82
CA VAL B 64 17.39 -11.54 0.53
C VAL B 64 16.98 -10.07 0.44
N LYS B 65 17.08 -9.35 1.54
CA LYS B 65 16.71 -7.92 1.53
C LYS B 65 17.77 -7.20 0.76
N GLY B 66 17.30 -6.41 -0.18
CA GLY B 66 18.19 -5.66 -1.04
C GLY B 66 18.16 -6.34 -2.39
N ARG B 67 17.82 -7.62 -2.40
CA ARG B 67 17.82 -8.39 -3.62
C ARG B 67 16.45 -8.57 -4.23
N PHE B 68 15.50 -8.93 -3.37
CA PHE B 68 14.13 -9.22 -3.81
C PHE B 68 13.19 -8.17 -3.38
N THR B 69 12.21 -7.85 -4.23
CA THR B 69 11.21 -6.92 -3.77
C THR B 69 9.84 -7.39 -4.14
N ILE B 70 9.00 -7.45 -3.11
CA ILE B 70 7.65 -7.94 -3.26
C ILE B 70 6.66 -6.84 -3.36
N SER B 71 5.67 -7.07 -4.21
CA SER B 71 4.63 -6.10 -4.48
C SER B 71 3.39 -6.85 -4.90
N ARG B 72 2.28 -6.13 -4.98
CA ARG B 72 1.04 -6.75 -5.42
C ARG B 72 0.13 -5.82 -6.16
N ASP B 73 -0.82 -6.38 -6.87
CA ASP B 73 -1.81 -5.60 -7.58
C ASP B 73 -3.18 -6.23 -7.32
N ASN B 74 -3.76 -5.95 -6.17
CA ASN B 74 -5.07 -6.51 -5.84
C ASN B 74 -6.16 -6.39 -6.90
N SER B 75 -6.05 -5.36 -7.75
CA SER B 75 -7.00 -5.13 -8.85
C SER B 75 -6.95 -6.30 -9.81
N LYS B 76 -5.86 -7.06 -9.78
CA LYS B 76 -5.70 -8.16 -10.71
C LYS B 76 -5.49 -9.54 -10.13
N ASN B 77 -5.72 -9.69 -8.82
CA ASN B 77 -5.54 -10.96 -8.09
C ASN B 77 -4.09 -11.38 -8.24
N THR B 78 -3.21 -10.41 -8.03
CA THR B 78 -1.82 -10.63 -8.35
C THR B 78 -0.72 -10.02 -7.51
N MET B 79 0.29 -10.85 -7.26
CA MET B 79 1.50 -10.37 -6.63
C MET B 79 2.69 -10.87 -7.37
N SER B 80 3.75 -10.12 -7.22
CA SER B 80 5.00 -10.42 -7.86
C SER B 80 6.19 -10.28 -6.97
N LEU B 81 7.26 -10.88 -7.45
CA LEU B 81 8.53 -10.87 -6.76
C LEU B 81 9.68 -10.67 -7.74
N GLN B 82 10.34 -9.53 -7.59
CA GLN B 82 11.49 -9.16 -8.38
C GLN B 82 12.72 -9.67 -7.66
N MET B 83 13.40 -10.59 -8.32
CA MET B 83 14.59 -11.19 -7.77
C MET B 83 15.84 -10.76 -8.48
N ASN B 84 16.67 -10.04 -7.76
CA ASN B 84 17.91 -9.58 -8.35
C ASN B 84 19.06 -10.21 -7.63
N ASN B 85 20.18 -10.23 -8.34
CA ASN B 85 21.45 -10.76 -7.85
C ASN B 85 21.38 -12.18 -7.45
N LEU B 86 20.75 -12.96 -8.32
CA LEU B 86 20.55 -14.34 -8.03
C LEU B 86 21.78 -15.15 -7.81
N ARG B 87 21.76 -15.85 -6.70
CA ARG B 87 22.87 -16.67 -6.33
C ARG B 87 22.48 -18.12 -6.48
N PRO B 88 23.40 -19.03 -6.11
CA PRO B 88 23.19 -20.46 -6.16
C PRO B 88 22.29 -20.80 -4.99
N GLU B 89 22.40 -19.99 -3.93
CA GLU B 89 21.62 -20.14 -2.71
C GLU B 89 20.13 -19.98 -2.99
N ASP B 90 19.82 -19.23 -4.05
CA ASP B 90 18.44 -18.96 -4.43
C ASP B 90 17.75 -20.00 -5.26
N MET B 91 18.54 -20.94 -5.77
CA MET B 91 18.03 -22.04 -6.56
C MET B 91 17.06 -22.91 -5.77
N GLY B 92 15.91 -23.13 -6.39
CA GLY B 92 14.93 -23.96 -5.76
C GLY B 92 13.57 -23.75 -6.34
N LEU B 93 12.62 -24.32 -5.63
CA LEU B 93 11.25 -24.27 -6.02
C LEU B 93 10.60 -23.29 -5.09
N TYR B 94 9.85 -22.39 -5.71
CA TYR B 94 9.18 -21.27 -5.08
C TYR B 94 7.67 -21.36 -5.00
N TYR B 95 7.19 -21.38 -3.77
CA TYR B 95 5.75 -21.47 -3.53
C TYR B 95 5.14 -20.18 -3.02
N CYS B 96 4.00 -19.78 -3.59
CA CYS B 96 3.30 -18.65 -3.05
C CYS B 96 2.28 -19.28 -2.12
N ALA B 97 2.12 -18.63 -0.98
CA ALA B 97 1.30 -19.18 0.07
C ALA B 97 0.52 -18.12 0.76
N ARG B 98 -0.77 -18.39 0.91
CA ARG B 98 -1.65 -17.45 1.52
C ARG B 98 -1.60 -17.33 3.05
N ASP B 99 -1.58 -16.08 3.52
CA ASP B 99 -1.58 -15.82 4.94
C ASP B 99 -3.03 -15.98 5.32
N GLY B 100 -3.28 -16.80 6.34
CA GLY B 100 -4.64 -17.02 6.79
C GLY B 100 -5.20 -15.69 7.28
N LYS B 101 -6.47 -15.51 6.97
CA LYS B 101 -7.22 -14.32 7.35
C LYS B 101 -7.07 -13.98 8.81
N CYS B 102 -6.35 -12.91 9.08
CA CYS B 102 -6.22 -12.45 10.44
C CYS B 102 -7.45 -11.63 10.44
N GLY B 103 -8.22 -11.71 11.53
CA GLY B 103 -9.49 -10.99 11.66
C GLY B 103 -9.14 -9.65 11.32
N GLY B 104 -8.53 -9.08 12.32
CA GLY B 104 -7.94 -7.86 12.02
C GLY B 104 -8.06 -6.52 12.54
N GLY B 105 -7.10 -5.92 11.85
CA GLY B 105 -6.68 -4.55 11.89
C GLY B 105 -5.61 -4.57 10.79
N ARG B 106 -4.37 -4.21 11.16
CA ARG B 106 -3.23 -4.23 10.24
C ARG B 106 -2.48 -5.45 10.70
N CYS B 107 -2.98 -6.56 10.21
CA CYS B 107 -2.51 -7.83 10.65
C CYS B 107 -1.92 -8.78 9.66
N TYR B 108 -1.28 -9.79 10.24
CA TYR B 108 -0.71 -10.94 9.56
C TYR B 108 -0.95 -12.05 10.57
N SER B 109 -1.38 -13.22 10.09
CA SER B 109 -1.58 -14.36 10.98
C SER B 109 -0.34 -15.20 11.14
N GLY B 110 0.46 -15.30 10.07
CA GLY B 110 1.66 -16.14 10.05
C GLY B 110 1.31 -17.59 9.70
N LEU B 111 0.05 -17.82 9.36
CA LEU B 111 -0.44 -19.16 9.08
C LEU B 111 -0.60 -19.31 7.57
N LEU B 112 -0.02 -20.34 6.99
CA LEU B 112 -0.08 -20.49 5.54
C LEU B 112 -1.12 -21.49 5.18
N ASP B 113 -2.33 -20.98 4.97
CA ASP B 113 -3.45 -21.86 4.78
C ASP B 113 -3.64 -22.46 3.41
N TYR B 114 -3.02 -21.86 2.41
CA TYR B 114 -3.10 -22.40 1.07
C TYR B 114 -1.86 -22.17 0.32
N TRP B 115 -1.34 -23.25 -0.24
CA TRP B 115 -0.15 -23.15 -1.02
C TRP B 115 -0.36 -23.52 -2.45
N GLY B 116 0.49 -22.94 -3.28
CA GLY B 116 0.50 -23.23 -4.70
C GLY B 116 1.50 -24.36 -4.88
N GLN B 117 1.61 -24.81 -6.12
CA GLN B 117 2.48 -25.92 -6.49
C GLN B 117 3.93 -25.60 -6.60
N GLY B 118 4.19 -24.37 -7.02
CA GLY B 118 5.54 -23.87 -7.16
C GLY B 118 6.02 -23.67 -8.55
N THR B 119 6.91 -22.68 -8.67
CA THR B 119 7.59 -22.43 -9.92
C THR B 119 9.06 -22.51 -9.61
N MET B 120 9.77 -23.03 -10.60
CA MET B 120 11.17 -23.32 -10.49
C MET B 120 12.17 -22.29 -10.93
N VAL B 121 13.09 -22.03 -10.03
CA VAL B 121 14.18 -21.11 -10.25
C VAL B 121 15.43 -21.95 -10.22
N THR B 122 16.11 -21.90 -11.36
CA THR B 122 17.35 -22.61 -11.60
C THR B 122 18.43 -21.56 -11.74
N VAL B 123 19.54 -21.75 -11.05
CA VAL B 123 20.66 -20.83 -11.17
C VAL B 123 21.86 -21.61 -11.63
N SER B 124 22.32 -21.24 -12.82
CA SER B 124 23.47 -21.94 -13.35
C SER B 124 24.23 -21.14 -14.33
N SER B 125 25.45 -21.57 -14.59
CA SER B 125 26.31 -20.91 -15.54
C SER B 125 26.35 -21.63 -16.88
N ALA B 126 25.66 -22.77 -16.93
CA ALA B 126 25.64 -23.63 -18.10
C ALA B 126 24.71 -23.22 -19.20
N SER B 127 25.07 -23.62 -20.40
CA SER B 127 24.25 -23.32 -21.54
C SER B 127 23.31 -24.46 -21.82
N PHE B 128 22.18 -24.12 -22.42
CA PHE B 128 21.22 -25.14 -22.84
C PHE B 128 21.82 -26.10 -23.81
N LYS B 129 21.52 -27.36 -23.58
CA LYS B 129 22.01 -28.39 -24.44
C LYS B 129 21.10 -29.56 -24.46
N GLY B 130 20.90 -30.06 -25.66
CA GLY B 130 20.12 -31.26 -25.85
C GLY B 130 20.96 -32.47 -25.43
N PRO B 131 20.31 -33.57 -25.06
CA PRO B 131 20.96 -34.80 -24.63
C PRO B 131 21.48 -35.71 -25.71
N SER B 132 22.42 -36.55 -25.29
CA SER B 132 22.97 -37.63 -26.08
C SER B 132 22.34 -38.83 -25.40
N VAL B 133 21.77 -39.69 -26.22
CA VAL B 133 21.05 -40.85 -25.75
C VAL B 133 21.79 -42.12 -26.12
N PHE B 134 22.16 -42.87 -25.08
CA PHE B 134 22.92 -44.08 -25.25
C PHE B 134 22.17 -45.30 -24.78
N PRO B 135 22.41 -46.43 -25.46
CA PRO B 135 21.76 -47.67 -25.09
C PRO B 135 22.44 -48.37 -23.93
N LEU B 136 21.64 -48.99 -23.09
CA LEU B 136 22.13 -49.79 -22.00
C LEU B 136 21.61 -51.11 -22.52
N ALA B 137 22.52 -51.79 -23.19
CA ALA B 137 22.17 -53.03 -23.85
C ALA B 137 21.98 -54.27 -23.01
N PRO B 138 20.88 -54.99 -23.28
CA PRO B 138 20.44 -56.23 -22.64
C PRO B 138 21.56 -57.21 -22.90
N SER B 139 21.81 -58.03 -21.90
CA SER B 139 22.94 -58.92 -21.90
C SER B 139 22.74 -60.19 -21.09
N THR B 147 13.90 -63.08 -18.07
CA THR B 147 13.87 -61.62 -17.84
C THR B 147 15.20 -60.87 -17.93
N ALA B 148 15.16 -59.81 -18.72
CA ALA B 148 16.33 -58.98 -18.91
C ALA B 148 16.01 -57.52 -18.82
N ALA B 149 17.05 -56.80 -18.42
CA ALA B 149 16.98 -55.36 -18.29
C ALA B 149 17.69 -54.66 -19.46
N LEU B 150 17.17 -53.50 -19.81
CA LEU B 150 17.77 -52.73 -20.87
C LEU B 150 17.40 -51.28 -20.59
N GLY B 151 18.06 -50.33 -21.26
CA GLY B 151 17.77 -48.95 -21.01
C GLY B 151 18.39 -47.95 -21.94
N CYS B 152 18.22 -46.69 -21.54
CA CYS B 152 18.73 -45.53 -22.22
C CYS B 152 19.40 -44.66 -21.20
N LEU B 153 20.58 -44.23 -21.57
CA LEU B 153 21.35 -43.35 -20.76
C LEU B 153 21.19 -42.00 -21.42
N VAL B 154 20.51 -41.09 -20.75
CA VAL B 154 20.25 -39.75 -21.27
C VAL B 154 21.25 -38.82 -20.61
N LYS B 155 22.18 -38.41 -21.42
CA LYS B 155 23.30 -37.71 -20.92
C LYS B 155 23.66 -36.36 -21.49
N ASP B 156 24.19 -35.55 -20.59
CA ASP B 156 24.67 -34.26 -20.92
C ASP B 156 23.69 -33.27 -21.51
N TYR B 157 22.70 -32.92 -20.72
CA TYR B 157 21.73 -31.93 -21.14
C TYR B 157 21.59 -30.91 -20.08
N PHE B 158 21.06 -29.77 -20.52
CA PHE B 158 20.75 -28.67 -19.68
C PHE B 158 19.63 -27.82 -20.31
N PRO B 159 18.58 -27.58 -19.56
CA PRO B 159 18.36 -28.03 -18.20
C PRO B 159 17.30 -29.05 -18.04
N GLU B 160 16.88 -29.15 -16.77
CA GLU B 160 15.82 -30.03 -16.38
C GLU B 160 14.54 -29.35 -16.84
N PRO B 161 13.54 -30.13 -17.22
CA PRO B 161 13.54 -31.58 -17.23
C PRO B 161 13.59 -32.26 -18.57
N VAL B 162 13.67 -33.57 -18.48
CA VAL B 162 13.68 -34.39 -19.64
C VAL B 162 12.55 -35.41 -19.42
N THR B 163 11.78 -35.72 -20.46
CA THR B 163 10.74 -36.72 -20.28
C THR B 163 11.12 -37.95 -21.07
N VAL B 164 10.91 -39.10 -20.44
CA VAL B 164 11.19 -40.34 -21.11
C VAL B 164 9.99 -41.26 -21.19
N SER B 165 9.83 -41.90 -22.33
CA SER B 165 8.78 -42.90 -22.53
C SER B 165 9.36 -44.05 -23.30
N TRP B 166 8.70 -45.17 -23.19
CA TRP B 166 9.13 -46.35 -23.92
C TRP B 166 8.08 -46.78 -24.89
N ASN B 167 8.50 -47.12 -26.10
CA ASN B 167 7.61 -47.56 -27.20
C ASN B 167 6.41 -46.68 -27.39
N SER B 168 6.70 -45.38 -27.42
CA SER B 168 5.71 -44.32 -27.54
C SER B 168 4.61 -44.37 -26.50
N GLY B 169 4.97 -44.81 -25.29
CA GLY B 169 3.98 -44.87 -24.23
C GLY B 169 3.20 -46.16 -24.05
N ALA B 170 3.42 -47.14 -24.92
CA ALA B 170 2.74 -48.44 -24.80
C ALA B 170 3.40 -49.34 -23.79
N LEU B 171 4.63 -48.99 -23.42
CA LEU B 171 5.40 -49.76 -22.46
C LEU B 171 5.58 -48.95 -21.18
N THR B 172 4.86 -49.37 -20.15
CA THR B 172 4.90 -48.68 -18.87
C THR B 172 5.37 -49.57 -17.71
N SER B 173 5.16 -50.88 -17.89
CA SER B 173 5.46 -51.87 -16.88
C SER B 173 6.89 -52.28 -16.71
N GLY B 174 7.33 -52.21 -15.47
CA GLY B 174 8.71 -52.52 -15.11
C GLY B 174 9.66 -51.44 -15.53
N VAL B 175 9.13 -50.25 -15.78
CA VAL B 175 9.91 -49.10 -16.17
C VAL B 175 10.32 -48.30 -14.95
N HIS B 176 11.61 -48.05 -14.85
CA HIS B 176 12.12 -47.16 -13.84
C HIS B 176 12.92 -46.11 -14.51
N THR B 177 12.47 -44.88 -14.33
CA THR B 177 13.14 -43.70 -14.84
C THR B 177 13.61 -42.93 -13.65
N PHE B 178 14.92 -42.95 -13.50
CA PHE B 178 15.64 -42.36 -12.40
C PHE B 178 15.87 -40.91 -12.35
N PRO B 179 15.93 -40.36 -11.13
CA PRO B 179 16.19 -38.93 -10.98
C PRO B 179 17.57 -38.62 -11.59
N ALA B 180 17.66 -37.46 -12.18
CA ALA B 180 18.88 -37.03 -12.81
C ALA B 180 19.88 -36.57 -11.81
N VAL B 181 21.13 -36.71 -12.22
CA VAL B 181 22.23 -36.26 -11.41
C VAL B 181 22.86 -35.12 -12.14
N LEU B 182 23.32 -34.14 -11.36
CA LEU B 182 24.01 -33.01 -11.93
C LEU B 182 25.51 -33.29 -11.92
N GLN B 183 26.07 -33.38 -13.12
CA GLN B 183 27.50 -33.63 -13.29
C GLN B 183 28.33 -32.38 -13.05
N SER B 184 29.62 -32.59 -12.85
CA SER B 184 30.58 -31.51 -12.59
C SER B 184 30.59 -30.50 -13.70
N SER B 185 30.19 -30.94 -14.88
CA SER B 185 30.15 -30.10 -16.04
C SER B 185 29.06 -29.07 -15.99
N GLY B 186 28.02 -29.33 -15.20
CA GLY B 186 26.90 -28.42 -15.16
C GLY B 186 25.76 -29.06 -15.95
N LEU B 187 26.01 -30.23 -16.55
CA LEU B 187 24.99 -30.93 -17.31
C LEU B 187 24.38 -32.05 -16.53
N TYR B 188 23.17 -32.42 -16.95
CA TYR B 188 22.47 -33.50 -16.32
C TYR B 188 22.68 -34.79 -17.08
N SER B 189 22.42 -35.87 -16.37
CA SER B 189 22.52 -37.20 -16.92
C SER B 189 21.56 -38.08 -16.17
N LEU B 190 20.84 -38.90 -16.91
CA LEU B 190 19.89 -39.79 -16.29
C LEU B 190 19.75 -41.12 -16.97
N SER B 191 19.11 -42.01 -16.23
CA SER B 191 18.90 -43.35 -16.64
C SER B 191 17.43 -43.73 -16.64
N SER B 192 17.02 -44.39 -17.71
CA SER B 192 15.68 -44.97 -17.80
C SER B 192 15.88 -46.40 -18.25
N VAL B 193 15.35 -47.34 -17.45
CA VAL B 193 15.49 -48.77 -17.76
C VAL B 193 14.12 -49.47 -17.72
N VAL B 194 14.07 -50.69 -18.23
CA VAL B 194 12.86 -51.50 -18.24
C VAL B 194 13.23 -52.97 -18.17
N THR B 195 12.42 -53.79 -17.49
CA THR B 195 12.69 -55.22 -17.45
C THR B 195 11.75 -55.93 -18.39
N VAL B 196 12.33 -56.76 -19.24
CA VAL B 196 11.57 -57.49 -20.25
C VAL B 196 12.03 -58.93 -20.32
N PRO B 197 11.31 -59.79 -21.08
CA PRO B 197 11.60 -61.21 -21.26
C PRO B 197 12.74 -61.45 -22.20
N SER B 198 13.59 -62.42 -21.83
CA SER B 198 14.70 -62.81 -22.69
C SER B 198 14.20 -63.34 -24.01
N SER B 199 13.18 -64.19 -23.98
CA SER B 199 12.57 -64.76 -25.19
C SER B 199 12.50 -63.71 -26.30
N SER B 200 11.69 -62.66 -26.06
CA SER B 200 11.47 -61.60 -27.03
C SER B 200 12.57 -60.63 -27.49
N LEU B 201 13.83 -60.73 -27.03
CA LEU B 201 14.86 -59.75 -27.49
C LEU B 201 15.10 -59.80 -28.98
N GLY B 202 14.83 -61.02 -29.52
CA GLY B 202 14.90 -61.37 -30.93
C GLY B 202 13.88 -60.47 -31.62
N THR B 203 12.60 -60.61 -31.27
CA THR B 203 11.62 -59.64 -31.75
C THR B 203 10.78 -59.14 -30.62
N GLN B 204 10.85 -57.83 -30.69
CA GLN B 204 10.28 -56.78 -29.94
C GLN B 204 11.34 -55.76 -29.89
N THR B 205 10.90 -54.65 -30.41
CA THR B 205 11.69 -53.48 -30.47
C THR B 205 11.38 -52.69 -29.23
N TYR B 206 12.43 -52.14 -28.67
CA TYR B 206 12.30 -51.33 -27.50
C TYR B 206 13.02 -50.07 -27.80
N ILE B 207 12.26 -48.99 -27.80
CA ILE B 207 12.78 -47.69 -28.10
C ILE B 207 12.42 -46.74 -26.99
N CYS B 208 13.41 -46.00 -26.49
CA CYS B 208 13.12 -45.00 -25.49
C CYS B 208 12.92 -43.72 -26.28
N ASN B 209 11.90 -42.95 -25.91
CA ASN B 209 11.64 -41.69 -26.59
C ASN B 209 11.97 -40.56 -25.63
N VAL B 210 12.90 -39.70 -26.05
CA VAL B 210 13.34 -38.62 -25.21
C VAL B 210 12.97 -37.29 -25.74
N ASN B 211 12.40 -36.49 -24.84
CA ASN B 211 11.99 -35.15 -25.16
C ASN B 211 12.58 -34.20 -24.16
N HIS B 212 13.45 -33.34 -24.65
CA HIS B 212 14.03 -32.32 -23.84
C HIS B 212 13.41 -31.07 -24.38
N LYS B 213 12.30 -30.66 -23.78
CA LYS B 213 11.56 -29.49 -24.24
C LYS B 213 12.25 -28.14 -24.17
N PRO B 214 13.12 -27.91 -23.16
CA PRO B 214 13.79 -26.63 -23.08
C PRO B 214 14.77 -26.38 -24.19
N SER B 215 15.31 -27.43 -24.80
CA SER B 215 16.23 -27.22 -25.88
C SER B 215 15.61 -27.50 -27.21
N ASN B 216 14.36 -27.95 -27.22
CA ASN B 216 13.69 -28.31 -28.47
C ASN B 216 14.37 -29.51 -29.10
N THR B 217 14.71 -30.47 -28.25
CA THR B 217 15.44 -31.64 -28.67
C THR B 217 14.67 -32.90 -28.38
N LYS B 218 14.53 -33.71 -29.40
CA LYS B 218 13.82 -34.95 -29.31
C LYS B 218 14.64 -36.05 -29.93
N VAL B 219 14.83 -37.12 -29.14
CA VAL B 219 15.57 -38.31 -29.58
C VAL B 219 14.78 -39.58 -29.32
N ASP B 220 14.89 -40.50 -30.26
CA ASP B 220 14.25 -41.79 -30.18
C ASP B 220 15.37 -42.79 -30.30
N LYS B 221 15.51 -43.65 -29.29
CA LYS B 221 16.58 -44.59 -29.33
C LYS B 221 16.17 -46.04 -29.18
N LYS B 222 16.55 -46.81 -30.19
CA LYS B 222 16.30 -48.23 -30.20
C LYS B 222 17.45 -48.95 -29.54
N VAL B 223 17.09 -49.78 -28.60
CA VAL B 223 18.05 -50.50 -27.81
C VAL B 223 18.00 -51.95 -28.11
N GLU B 224 19.15 -52.50 -28.45
CA GLU B 224 19.18 -53.91 -28.70
C GLU B 224 20.47 -54.53 -28.23
N PRO B 225 20.52 -55.88 -28.21
CA PRO B 225 21.72 -56.61 -27.81
C PRO B 225 22.59 -56.52 -29.06
N MET C 1 -6.43 54.84 25.32
CA MET C 1 -5.78 53.50 25.42
C MET C 1 -6.65 52.63 24.53
N GLU C 2 -6.94 51.40 24.99
CA GLU C 2 -7.86 50.51 24.31
C GLU C 2 -8.25 49.28 25.08
N ILE C 3 -9.51 48.94 24.91
CA ILE C 3 -10.10 47.80 25.58
C ILE C 3 -9.99 46.57 24.75
N VAL C 4 -9.39 45.56 25.36
CA VAL C 4 -9.17 44.30 24.69
C VAL C 4 -10.24 43.32 25.06
N LEU C 5 -10.70 42.63 24.04
CA LEU C 5 -11.78 41.69 24.19
C LEU C 5 -11.28 40.35 23.81
N THR C 6 -11.60 39.41 24.69
CA THR C 6 -11.18 38.05 24.57
C THR C 6 -12.35 37.10 24.48
N GLN C 7 -12.47 36.45 23.33
CA GLN C 7 -13.57 35.53 23.09
C GLN C 7 -13.16 34.12 23.31
N SER C 8 -14.10 33.33 23.80
CA SER C 8 -13.81 31.94 24.09
C SER C 8 -15.10 31.13 24.14
N PRO C 9 -15.08 29.92 23.57
CA PRO C 9 -13.99 29.24 22.86
C PRO C 9 -13.67 29.85 21.49
N ALA C 10 -12.49 29.54 20.97
CA ALA C 10 -12.13 30.03 19.65
C ALA C 10 -13.01 29.22 18.71
N THR C 11 -13.13 27.92 18.98
CA THR C 11 -14.09 27.12 18.21
C THR C 11 -15.02 26.21 19.02
N LEU C 12 -16.30 26.30 18.65
CA LEU C 12 -17.37 25.57 19.31
C LEU C 12 -18.15 24.69 18.32
N SER C 13 -17.96 23.38 18.50
CA SER C 13 -18.58 22.36 17.66
C SER C 13 -19.70 21.71 18.38
N LEU C 14 -20.89 22.06 17.98
CA LEU C 14 -22.06 21.54 18.61
C LEU C 14 -22.96 21.04 17.55
N SER C 15 -23.87 20.18 17.95
CA SER C 15 -24.77 19.63 16.98
C SER C 15 -26.04 20.43 17.05
N PRO C 16 -26.79 20.48 15.95
CA PRO C 16 -28.06 21.22 15.94
C PRO C 16 -28.97 20.70 17.02
N GLY C 17 -29.66 21.64 17.66
CA GLY C 17 -30.58 21.33 18.74
C GLY C 17 -29.97 21.62 20.10
N GLU C 18 -28.66 21.84 20.12
CA GLU C 18 -27.98 22.10 21.38
C GLU C 18 -27.87 23.53 21.83
N ARG C 19 -27.49 23.63 23.11
CA ARG C 19 -27.27 24.88 23.81
C ARG C 19 -25.85 25.34 23.62
N ALA C 20 -25.76 26.61 23.29
CA ALA C 20 -24.49 27.22 23.01
C ALA C 20 -24.21 28.38 23.92
N THR C 21 -23.00 28.37 24.44
CA THR C 21 -22.53 29.35 25.38
C THR C 21 -21.27 30.00 24.87
N LEU C 22 -21.39 31.28 24.61
CA LEU C 22 -20.27 32.04 24.12
C LEU C 22 -19.84 33.04 25.13
N SER C 23 -18.54 33.26 25.17
CA SER C 23 -18.00 34.16 26.14
C SER C 23 -17.14 35.24 25.57
N CYS C 24 -17.22 36.41 26.21
CA CYS C 24 -16.44 37.59 25.85
C CYS C 24 -15.99 38.24 27.16
N ARG C 25 -14.69 38.37 27.34
CA ARG C 25 -14.18 39.01 28.54
C ARG C 25 -13.47 40.28 28.16
N ALA C 26 -13.55 41.29 29.02
CA ALA C 26 -12.93 42.58 28.74
C ALA C 26 -11.83 42.97 29.71
N SER C 27 -10.84 43.70 29.19
CA SER C 27 -9.69 44.10 29.97
C SER C 27 -10.01 45.16 31.04
N GLN C 28 -11.10 45.89 30.82
CA GLN C 28 -11.60 46.85 31.77
C GLN C 28 -13.12 46.89 31.60
N SER C 29 -13.83 47.41 32.61
CA SER C 29 -15.28 47.45 32.56
C SER C 29 -15.92 48.29 31.46
N VAL C 30 -16.87 47.67 30.76
CA VAL C 30 -17.55 48.40 29.70
C VAL C 30 -19.00 48.66 30.08
N GLY C 31 -19.30 48.42 31.36
CA GLY C 31 -20.64 48.49 31.87
C GLY C 31 -21.44 47.45 31.10
N GLY C 32 -22.49 47.91 30.46
CA GLY C 32 -23.28 47.01 29.65
C GLY C 32 -23.19 47.39 28.18
N TYR C 33 -22.19 48.17 27.76
CA TYR C 33 -22.10 48.56 26.35
C TYR C 33 -21.41 47.49 25.55
N LEU C 34 -22.11 46.38 25.43
CA LEU C 34 -21.57 45.26 24.75
C LEU C 34 -22.50 44.79 23.66
N THR C 35 -21.90 44.57 22.50
CA THR C 35 -22.59 44.18 21.32
C THR C 35 -22.18 42.84 20.76
N TRP C 36 -23.16 42.07 20.29
CA TRP C 36 -22.88 40.81 19.60
C TRP C 36 -23.31 40.90 18.12
N TYR C 37 -22.44 40.40 17.26
CA TYR C 37 -22.69 40.36 15.84
C TYR C 37 -22.60 38.91 15.35
N GLN C 38 -23.38 38.59 14.34
CA GLN C 38 -23.35 37.27 13.74
C GLN C 38 -22.81 37.39 12.33
N HIS C 39 -22.10 36.37 11.89
CA HIS C 39 -21.08 36.33 10.87
C HIS C 39 -20.99 35.16 9.92
N LYS C 40 -21.62 35.25 8.76
CA LYS C 40 -21.49 34.27 7.77
C LYS C 40 -20.71 34.64 6.54
N PRO C 41 -19.80 33.74 6.13
CA PRO C 41 -18.89 33.72 5.00
C PRO C 41 -19.56 34.26 3.75
N GLY C 42 -18.94 35.29 3.19
CA GLY C 42 -19.45 35.95 2.01
C GLY C 42 -20.64 36.86 2.29
N GLN C 43 -20.98 37.04 3.57
CA GLN C 43 -22.09 37.91 3.93
C GLN C 43 -21.65 38.94 4.89
N ALA C 44 -22.50 39.93 5.00
CA ALA C 44 -22.28 41.04 5.88
C ALA C 44 -22.64 40.65 7.27
N PRO C 45 -21.93 41.23 8.23
CA PRO C 45 -22.23 40.96 9.62
C PRO C 45 -23.59 41.54 9.91
N ARG C 46 -24.19 40.91 10.88
CA ARG C 46 -25.49 41.23 11.31
C ARG C 46 -25.45 41.46 12.82
N LEU C 47 -26.17 42.50 13.23
CA LEU C 47 -26.31 42.88 14.62
C LEU C 47 -27.30 41.94 15.27
N LEU C 48 -26.92 41.34 16.40
CA LEU C 48 -27.82 40.46 17.14
C LEU C 48 -28.28 41.11 18.40
N ILE C 49 -27.32 41.51 19.22
CA ILE C 49 -27.65 42.05 20.51
C ILE C 49 -26.81 43.23 20.82
N PHE C 50 -27.44 44.18 21.47
CA PHE C 50 -26.75 45.35 21.91
C PHE C 50 -26.99 45.59 23.35
N ASP C 51 -26.14 46.43 23.95
CA ASP C 51 -26.26 46.77 25.37
C ASP C 51 -26.40 45.54 26.27
N ALA C 52 -25.59 44.54 25.96
CA ALA C 52 -25.52 43.25 26.63
C ALA C 52 -26.67 42.27 26.52
N SER C 53 -27.92 42.73 26.49
CA SER C 53 -29.05 41.80 26.55
C SER C 53 -30.25 42.11 25.72
N ILE C 54 -30.15 43.12 24.89
CA ILE C 54 -31.30 43.51 24.11
C ILE C 54 -31.20 43.04 22.74
N ARG C 55 -32.18 42.24 22.36
CA ARG C 55 -32.25 41.73 21.03
C ARG C 55 -32.57 42.85 20.07
N ALA C 56 -32.10 42.66 18.87
CA ALA C 56 -32.27 43.63 17.83
C ALA C 56 -33.42 43.15 17.00
N THR C 57 -34.07 44.09 16.32
CA THR C 57 -35.21 43.77 15.50
C THR C 57 -34.96 42.69 14.48
N GLY C 58 -35.79 41.66 14.54
CA GLY C 58 -35.70 40.59 13.58
C GLY C 58 -34.92 39.43 14.12
N ILE C 59 -34.33 39.62 15.29
CA ILE C 59 -33.54 38.60 15.93
C ILE C 59 -34.40 37.84 16.90
N PRO C 60 -34.37 36.50 16.78
CA PRO C 60 -35.12 35.57 17.61
C PRO C 60 -34.64 35.29 18.98
N ALA C 61 -35.63 34.85 19.74
CA ALA C 61 -35.53 34.59 21.16
C ALA C 61 -34.59 33.58 21.70
N ARG C 62 -34.08 32.68 20.85
CA ARG C 62 -33.11 31.70 21.31
C ARG C 62 -31.80 32.39 21.64
N PHE C 63 -31.60 33.58 21.07
CA PHE C 63 -30.40 34.35 21.35
C PHE C 63 -30.53 35.17 22.59
N SER C 64 -29.73 34.86 23.61
CA SER C 64 -29.77 35.72 24.78
C SER C 64 -28.46 36.10 25.36
N GLY C 65 -28.37 37.37 25.66
CA GLY C 65 -27.13 37.89 26.18
C GLY C 65 -27.19 38.36 27.61
N SER C 66 -26.07 38.20 28.29
CA SER C 66 -26.03 38.65 29.65
C SER C 66 -24.66 39.10 30.01
N GLY C 67 -24.64 39.82 31.13
CA GLY C 67 -23.40 40.26 31.68
C GLY C 67 -23.33 41.72 31.97
N SER C 68 -22.30 42.03 32.75
CA SER C 68 -21.98 43.37 33.13
C SER C 68 -20.53 43.41 33.53
N GLY C 69 -19.94 44.57 33.26
CA GLY C 69 -18.55 44.82 33.59
C GLY C 69 -17.54 44.28 32.60
N THR C 70 -16.89 43.19 33.02
CA THR C 70 -15.90 42.57 32.18
C THR C 70 -16.32 41.18 31.74
N ASP C 71 -17.45 40.70 32.22
CA ASP C 71 -17.85 39.35 31.82
C ASP C 71 -19.15 39.24 31.11
N PHE C 72 -19.07 38.71 29.89
CA PHE C 72 -20.28 38.59 29.10
C PHE C 72 -20.47 37.24 28.53
N THR C 73 -21.75 36.93 28.37
CA THR C 73 -22.13 35.66 27.85
C THR C 73 -23.23 35.78 26.85
N LEU C 74 -23.08 35.04 25.77
CA LEU C 74 -24.10 35.01 24.75
C LEU C 74 -24.48 33.55 24.74
N THR C 75 -25.77 33.33 24.76
CA THR C 75 -26.33 32.01 24.81
C THR C 75 -27.35 31.84 23.71
N ILE C 76 -27.29 30.66 23.12
CA ILE C 76 -28.21 30.30 22.08
C ILE C 76 -28.87 29.12 22.66
N THR C 77 -30.14 29.29 22.99
CA THR C 77 -30.90 28.24 23.64
C THR C 77 -30.94 26.93 22.92
N ARG C 78 -31.09 26.98 21.60
CA ARG C 78 -31.09 25.77 20.81
C ARG C 78 -30.60 26.15 19.44
N LEU C 79 -29.60 25.41 18.98
CA LEU C 79 -28.99 25.68 17.70
C LEU C 79 -29.73 25.22 16.50
N GLU C 80 -30.20 26.19 15.74
CA GLU C 80 -30.84 25.91 14.49
C GLU C 80 -29.68 25.87 13.48
N PRO C 81 -29.82 25.16 12.34
CA PRO C 81 -28.77 25.05 11.30
C PRO C 81 -28.19 26.42 10.86
N GLU C 82 -29.09 27.40 10.78
CA GLU C 82 -28.82 28.80 10.42
C GLU C 82 -28.00 29.55 11.44
N ASP C 83 -27.80 28.96 12.61
CA ASP C 83 -27.11 29.65 13.67
C ASP C 83 -25.61 29.49 13.66
N PHE C 84 -25.16 28.64 12.74
CA PHE C 84 -23.74 28.34 12.57
C PHE C 84 -23.10 29.42 11.74
N ALA C 85 -22.25 30.14 12.45
CA ALA C 85 -21.58 31.32 11.96
C ALA C 85 -20.46 31.67 12.90
N VAL C 86 -19.91 32.86 12.64
CA VAL C 86 -18.88 33.38 13.51
C VAL C 86 -19.56 34.50 14.20
N TYR C 87 -19.33 34.53 15.50
CA TYR C 87 -19.92 35.49 16.40
C TYR C 87 -18.85 36.33 17.02
N TYR C 88 -19.02 37.64 16.92
CA TYR C 88 -18.05 38.58 17.44
C TYR C 88 -18.66 39.45 18.48
N CYS C 89 -17.86 39.75 19.50
CA CYS C 89 -18.30 40.70 20.50
C CYS C 89 -17.63 42.04 20.14
N GLN C 90 -18.25 43.12 20.59
CA GLN C 90 -17.81 44.48 20.31
C GLN C 90 -18.21 45.39 21.46
N GLN C 91 -17.36 46.37 21.69
CA GLN C 91 -17.47 47.25 22.82
C GLN C 91 -17.65 48.70 22.43
N ARG C 92 -18.56 49.41 23.09
CA ARG C 92 -18.71 50.85 22.86
C ARG C 92 -18.60 51.74 24.12
N SER C 93 -17.90 51.27 25.14
CA SER C 93 -17.71 52.04 26.36
C SER C 93 -16.68 53.11 26.19
N MET C 94 -15.53 52.71 25.68
CA MET C 94 -14.43 53.64 25.47
C MET C 94 -13.98 53.51 24.05
N TRP C 95 -14.26 54.56 23.31
CA TRP C 95 -13.85 54.56 21.95
C TRP C 95 -13.77 55.99 21.53
N PRO C 96 -12.92 56.30 20.52
CA PRO C 96 -12.06 55.40 19.77
C PRO C 96 -10.81 54.93 20.50
N PRO C 97 -10.33 53.74 20.14
CA PRO C 97 -10.86 52.83 19.10
C PRO C 97 -11.96 51.89 19.46
N VAL C 98 -12.88 51.64 18.51
CA VAL C 98 -13.93 50.61 18.74
C VAL C 98 -13.19 49.27 18.67
N THR C 99 -13.56 48.36 19.57
CA THR C 99 -12.91 47.09 19.63
C THR C 99 -13.79 45.92 19.56
N PHE C 100 -13.17 44.86 19.05
CA PHE C 100 -13.83 43.63 18.83
C PHE C 100 -13.03 42.54 19.41
N GLY C 101 -13.76 41.47 19.69
CA GLY C 101 -13.18 40.22 20.11
C GLY C 101 -12.73 39.57 18.80
N GLN C 102 -11.91 38.55 18.97
CA GLN C 102 -11.29 37.81 17.88
C GLN C 102 -12.18 36.78 17.19
N GLY C 103 -13.35 36.55 17.75
CA GLY C 103 -14.30 35.64 17.16
C GLY C 103 -14.40 34.25 17.70
N THR C 104 -15.63 33.75 17.69
CA THR C 104 -15.89 32.44 18.17
C THR C 104 -16.58 31.78 17.01
N LYS C 105 -16.01 30.69 16.54
CA LYS C 105 -16.57 30.02 15.41
C LYS C 105 -17.41 28.83 15.77
N LEU C 106 -18.64 28.89 15.30
CA LEU C 106 -19.64 27.87 15.56
C LEU C 106 -19.80 26.97 14.39
N GLU C 107 -19.33 25.76 14.65
CA GLU C 107 -19.22 24.68 13.71
C GLU C 107 -20.17 23.57 13.95
N ILE C 108 -20.65 22.97 12.86
CA ILE C 108 -21.58 21.85 12.98
C ILE C 108 -20.91 20.55 13.37
N LYS C 109 -21.35 19.98 14.50
CA LYS C 109 -20.86 18.66 14.87
C LYS C 109 -21.83 17.68 14.26
N ARG C 110 -21.21 16.78 13.56
CA ARG C 110 -21.84 15.80 12.74
C ARG C 110 -21.35 14.47 13.24
N THR C 111 -21.90 13.39 12.68
CA THR C 111 -21.36 12.09 13.00
C THR C 111 -20.07 11.97 12.21
N VAL C 112 -19.19 11.16 12.75
CA VAL C 112 -17.91 10.91 12.13
C VAL C 112 -18.06 10.32 10.76
N ALA C 113 -17.11 10.70 9.94
CA ALA C 113 -17.08 10.30 8.56
C ALA C 113 -15.67 10.33 8.09
N ALA C 114 -15.12 9.14 7.97
CA ALA C 114 -13.79 8.95 7.45
C ALA C 114 -13.70 9.40 6.00
N PRO C 115 -12.52 9.85 5.61
CA PRO C 115 -12.22 10.32 4.27
C PRO C 115 -11.98 9.25 3.27
N SER C 116 -12.44 9.55 2.07
CA SER C 116 -12.17 8.71 0.92
C SER C 116 -10.88 9.36 0.44
N VAL C 117 -9.91 8.54 0.06
CA VAL C 117 -8.60 9.05 -0.32
C VAL C 117 -8.17 8.81 -1.77
N PHE C 118 -7.62 9.84 -2.41
CA PHE C 118 -7.12 9.68 -3.79
C PHE C 118 -5.84 10.39 -3.91
N ILE C 119 -5.05 9.89 -4.85
CA ILE C 119 -3.75 10.44 -5.12
C ILE C 119 -3.59 10.65 -6.59
N PHE C 120 -2.96 11.77 -6.86
CA PHE C 120 -2.74 12.25 -8.18
C PHE C 120 -1.34 12.42 -8.60
N PRO C 121 -1.03 11.79 -9.73
CA PRO C 121 0.26 11.82 -10.38
C PRO C 121 0.32 13.17 -11.02
N PRO C 122 1.54 13.69 -11.19
CA PRO C 122 1.67 14.99 -11.84
C PRO C 122 1.52 14.81 -13.33
N SER C 123 1.11 15.88 -13.99
CA SER C 123 0.91 15.82 -15.41
C SER C 123 2.22 15.90 -16.15
N ASP C 124 2.24 15.30 -17.33
CA ASP C 124 3.43 15.31 -18.18
C ASP C 124 3.73 16.78 -18.51
N GLU C 125 2.66 17.54 -18.71
CA GLU C 125 2.74 18.96 -19.03
C GLU C 125 3.44 19.79 -17.96
N GLN C 126 3.11 19.55 -16.69
CA GLN C 126 3.78 20.26 -15.61
C GLN C 126 5.20 19.79 -15.55
N LEU C 127 5.39 18.47 -15.56
CA LEU C 127 6.72 17.86 -15.50
C LEU C 127 7.65 18.48 -16.48
N LYS C 128 7.12 18.74 -17.67
CA LYS C 128 7.86 19.43 -18.72
C LYS C 128 8.43 20.68 -18.13
N SER C 129 7.52 21.61 -17.81
CA SER C 129 7.88 22.93 -17.31
C SER C 129 8.94 23.03 -16.22
N GLY C 130 9.28 21.89 -15.63
CA GLY C 130 10.35 21.85 -14.65
C GLY C 130 9.96 21.54 -13.25
N THR C 131 8.78 20.98 -13.07
CA THR C 131 8.32 20.76 -11.72
C THR C 131 7.22 19.75 -11.59
N ALA C 132 7.03 19.28 -10.36
CA ALA C 132 6.04 18.25 -10.10
C ALA C 132 5.24 18.40 -8.83
N SER C 133 3.92 18.39 -9.04
CA SER C 133 2.96 18.52 -7.96
C SER C 133 2.13 17.27 -7.86
N VAL C 134 2.24 16.64 -6.70
CA VAL C 134 1.55 15.40 -6.42
C VAL C 134 0.49 15.77 -5.41
N VAL C 135 -0.74 15.38 -5.71
CA VAL C 135 -1.86 15.76 -4.87
C VAL C 135 -2.54 14.61 -4.25
N CYS C 136 -2.87 14.78 -2.97
CA CYS C 136 -3.60 13.79 -2.22
C CYS C 136 -4.88 14.44 -1.76
N LEU C 137 -5.99 13.82 -2.14
CA LEU C 137 -7.30 14.30 -1.77
C LEU C 137 -7.93 13.45 -0.66
N LEU C 138 -8.56 14.14 0.28
CA LEU C 138 -9.25 13.52 1.39
C LEU C 138 -10.64 14.04 1.19
N ASN C 139 -11.53 13.15 0.79
CA ASN C 139 -12.85 13.62 0.49
C ASN C 139 -13.97 13.34 1.44
N ASN C 140 -14.67 14.42 1.76
CA ASN C 140 -15.84 14.43 2.64
C ASN C 140 -15.64 13.72 3.92
N PHE C 141 -15.07 14.44 4.88
CA PHE C 141 -14.78 13.84 6.14
C PHE C 141 -15.11 14.68 7.36
N TYR C 142 -15.39 14.01 8.47
CA TYR C 142 -15.69 14.71 9.69
C TYR C 142 -15.16 13.99 10.93
N PRO C 143 -14.42 14.68 11.80
CA PRO C 143 -14.04 16.08 11.73
C PRO C 143 -12.91 16.45 10.86
N ARG C 144 -12.60 17.72 10.97
CA ARG C 144 -11.60 18.38 10.23
C ARG C 144 -10.24 17.95 10.53
N GLU C 145 -10.02 17.65 11.80
CA GLU C 145 -8.69 17.16 12.07
C GLU C 145 -8.34 15.86 11.44
N ALA C 146 -7.26 16.00 10.70
CA ALA C 146 -6.71 14.90 9.98
C ALA C 146 -5.22 15.01 9.82
N LYS C 147 -4.58 13.86 9.64
CA LYS C 147 -3.12 13.78 9.42
C LYS C 147 -2.72 13.23 8.04
N VAL C 148 -1.85 13.95 7.36
CA VAL C 148 -1.37 13.51 6.05
C VAL C 148 0.12 13.51 6.05
N GLN C 149 0.66 12.33 5.77
CA GLN C 149 2.07 12.14 5.67
C GLN C 149 2.36 11.64 4.28
N TRP C 150 3.34 12.27 3.66
CA TRP C 150 3.76 11.81 2.38
C TRP C 150 4.97 10.93 2.63
N LYS C 151 5.02 9.80 1.94
CA LYS C 151 6.20 8.93 1.98
C LYS C 151 6.54 8.62 0.55
N VAL C 152 7.82 8.79 0.27
CA VAL C 152 8.36 8.60 -1.04
C VAL C 152 9.44 7.57 -0.93
N ASP C 153 9.21 6.44 -1.63
CA ASP C 153 10.07 5.24 -1.60
C ASP C 153 10.35 4.87 -0.15
N ASN C 154 9.26 4.97 0.62
CA ASN C 154 9.15 4.77 2.05
C ASN C 154 9.84 5.76 2.96
N ALA C 155 10.26 6.89 2.43
CA ALA C 155 10.91 7.88 3.26
C ALA C 155 9.96 9.00 3.60
N LEU C 156 10.00 9.38 4.87
CA LEU C 156 9.16 10.43 5.38
C LEU C 156 9.49 11.80 4.83
N GLN C 157 8.45 12.49 4.41
CA GLN C 157 8.67 13.81 3.87
C GLN C 157 8.35 14.88 4.87
N SER C 158 8.92 16.04 4.64
CA SER C 158 8.70 17.17 5.49
C SER C 158 9.14 18.39 4.76
N GLY C 159 8.51 19.51 5.10
CA GLY C 159 8.82 20.82 4.53
C GLY C 159 8.56 21.04 3.05
N ASN C 160 8.00 20.04 2.37
CA ASN C 160 7.77 20.11 0.94
C ASN C 160 6.32 19.93 0.42
N SER C 161 5.37 20.15 1.32
CA SER C 161 3.97 19.96 1.03
C SER C 161 3.06 21.05 1.57
N GLN C 162 1.90 21.19 0.94
CA GLN C 162 0.92 22.19 1.34
C GLN C 162 -0.48 21.65 1.37
N GLU C 163 -1.23 22.14 2.35
CA GLU C 163 -2.60 21.76 2.57
C GLU C 163 -3.58 22.88 2.36
N SER C 164 -4.78 22.53 1.95
CA SER C 164 -5.84 23.49 1.83
C SER C 164 -7.11 22.72 2.17
N VAL C 165 -7.92 23.34 3.00
CA VAL C 165 -9.16 22.72 3.44
C VAL C 165 -10.32 23.59 3.05
N THR C 166 -11.41 22.94 2.64
CA THR C 166 -12.62 23.66 2.29
C THR C 166 -13.32 24.13 3.55
N GLU C 167 -14.37 24.92 3.37
CA GLU C 167 -15.14 25.32 4.52
C GLU C 167 -16.17 24.25 4.66
N GLN C 168 -16.72 24.16 5.86
CA GLN C 168 -17.71 23.14 6.15
C GLN C 168 -18.80 23.12 5.11
N ASP C 169 -19.08 21.94 4.57
CA ASP C 169 -20.10 21.79 3.56
C ASP C 169 -21.49 22.06 4.13
N SER C 170 -22.32 22.69 3.32
CA SER C 170 -23.66 23.05 3.75
C SER C 170 -24.67 21.93 3.84
N LYS C 171 -24.37 20.79 3.23
CA LYS C 171 -25.28 19.64 3.27
C LYS C 171 -24.69 18.57 4.14
N ASP C 172 -23.61 18.01 3.63
CA ASP C 172 -22.81 17.02 4.29
C ASP C 172 -22.40 17.39 5.71
N SER C 173 -22.01 18.65 5.85
CA SER C 173 -21.40 19.20 7.06
C SER C 173 -19.98 18.62 7.09
N THR C 174 -19.47 18.28 5.89
CA THR C 174 -18.13 17.76 5.74
C THR C 174 -17.12 18.75 5.23
N TYR C 175 -15.90 18.27 5.28
CA TYR C 175 -14.73 19.00 4.88
C TYR C 175 -13.97 18.19 3.89
N SER C 176 -13.26 18.86 3.00
CA SER C 176 -12.39 18.17 2.06
C SER C 176 -11.04 18.82 2.19
N LEU C 177 -9.99 18.04 2.00
CA LEU C 177 -8.66 18.55 2.14
C LEU C 177 -7.80 18.21 0.95
N SER C 178 -6.83 19.09 0.72
CA SER C 178 -5.91 18.98 -0.37
C SER C 178 -4.48 18.95 0.17
N SER C 179 -3.69 17.94 -0.18
CA SER C 179 -2.29 17.96 0.20
C SER C 179 -1.50 17.90 -1.07
N THR C 180 -0.68 18.92 -1.26
CA THR C 180 0.11 19.01 -2.44
C THR C 180 1.58 18.89 -2.17
N LEU C 181 2.20 17.91 -2.82
CA LEU C 181 3.63 17.70 -2.69
C LEU C 181 4.34 18.15 -3.94
N THR C 182 5.21 19.13 -3.73
CA THR C 182 5.95 19.71 -4.82
C THR C 182 7.44 19.44 -4.79
N LEU C 183 7.89 18.86 -5.89
CA LEU C 183 9.28 18.53 -6.08
C LEU C 183 9.78 19.04 -7.40
N SER C 184 11.11 19.13 -7.49
CA SER C 184 11.75 19.52 -8.73
C SER C 184 11.56 18.35 -9.66
N LYS C 185 11.73 18.60 -10.95
CA LYS C 185 11.59 17.52 -11.90
C LYS C 185 12.68 16.49 -11.68
N ALA C 186 13.85 16.97 -11.27
CA ALA C 186 14.97 16.10 -10.99
C ALA C 186 14.74 15.17 -9.81
N ASP C 187 14.03 15.68 -8.80
CA ASP C 187 13.76 14.89 -7.62
C ASP C 187 12.61 13.96 -7.78
N TYR C 188 11.66 14.36 -8.62
CA TYR C 188 10.53 13.53 -8.90
C TYR C 188 10.99 12.23 -9.56
N GLU C 189 11.95 12.35 -10.44
CA GLU C 189 12.46 11.23 -11.20
C GLU C 189 13.36 10.24 -10.54
N LYS C 190 13.75 10.50 -9.31
CA LYS C 190 14.63 9.58 -8.61
C LYS C 190 13.87 8.56 -7.80
N HIS C 191 12.55 8.73 -7.71
CA HIS C 191 11.77 7.86 -6.87
C HIS C 191 10.73 7.07 -7.61
N LYS C 192 10.40 5.91 -7.08
CA LYS C 192 9.38 5.11 -7.73
C LYS C 192 8.01 5.30 -7.13
N VAL C 193 7.94 5.07 -5.82
CA VAL C 193 6.70 5.07 -5.08
C VAL C 193 6.29 6.34 -4.37
N TYR C 194 5.12 6.84 -4.73
CA TYR C 194 4.60 8.04 -4.12
C TYR C 194 3.41 7.65 -3.35
N ALA C 195 3.44 7.96 -2.06
CA ALA C 195 2.39 7.59 -1.16
C ALA C 195 1.82 8.66 -0.29
N CYS C 196 0.54 8.54 0.00
CA CYS C 196 -0.16 9.46 0.83
C CYS C 196 -0.74 8.62 1.98
N GLU C 197 -0.29 8.87 3.20
CA GLU C 197 -0.81 8.12 4.32
C GLU C 197 -1.73 8.94 5.19
N VAL C 198 -2.98 8.51 5.25
CA VAL C 198 -3.95 9.27 5.97
C VAL C 198 -4.42 8.72 7.32
N THR C 199 -4.50 9.62 8.29
CA THR C 199 -4.94 9.30 9.65
C THR C 199 -6.07 10.21 10.03
N HIS C 200 -7.13 9.60 10.53
CA HIS C 200 -8.33 10.31 10.89
C HIS C 200 -9.12 9.51 11.93
N GLN C 201 -9.98 10.19 12.67
CA GLN C 201 -10.80 9.60 13.71
C GLN C 201 -11.70 8.46 13.29
N GLY C 202 -12.26 8.53 12.07
CA GLY C 202 -13.17 7.48 11.62
C GLY C 202 -12.44 6.41 10.89
N LEU C 203 -11.12 6.56 10.86
CA LEU C 203 -10.30 5.62 10.21
C LEU C 203 -9.74 4.67 11.21
N SER C 204 -10.26 3.47 10.98
CA SER C 204 -9.97 2.19 11.54
C SER C 204 -8.46 2.16 11.85
N SER C 205 -7.72 2.12 10.75
CA SER C 205 -6.28 2.12 10.77
C SER C 205 -5.97 3.09 9.67
N PRO C 206 -4.78 3.69 9.68
CA PRO C 206 -4.36 4.64 8.66
C PRO C 206 -4.61 4.09 7.26
N VAL C 207 -5.02 4.96 6.35
CA VAL C 207 -5.24 4.57 4.97
C VAL C 207 -4.07 5.15 4.19
N THR C 208 -3.65 4.40 3.18
CA THR C 208 -2.53 4.78 2.36
C THR C 208 -2.88 4.60 0.92
N LYS C 209 -2.57 5.60 0.10
CA LYS C 209 -2.79 5.48 -1.33
C LYS C 209 -1.51 5.81 -2.01
N SER C 210 -1.27 5.12 -3.09
CA SER C 210 -0.06 5.38 -3.80
C SER C 210 -0.05 5.03 -5.25
N PHE C 211 1.02 5.47 -5.90
CA PHE C 211 1.25 5.21 -7.28
C PHE C 211 2.74 5.04 -7.49
N ASN C 212 3.04 4.34 -8.59
CA ASN C 212 4.38 4.10 -9.07
C ASN C 212 4.59 4.96 -10.26
N ARG C 213 5.70 5.66 -10.26
CA ARG C 213 6.02 6.57 -11.32
C ARG C 213 6.33 5.85 -12.60
N GLY C 214 6.01 6.50 -13.71
CA GLY C 214 6.29 5.91 -15.00
C GLY C 214 5.83 4.48 -15.17
N GLU C 215 4.62 4.28 -14.67
CA GLU C 215 3.77 3.10 -14.79
C GLU C 215 2.51 3.99 -14.89
N GLN D 1 -35.00 47.01 3.53
CA GLN D 1 -34.63 48.09 2.57
C GLN D 1 -33.37 48.91 2.84
N VAL D 2 -32.67 48.60 3.93
CA VAL D 2 -31.44 49.31 4.20
C VAL D 2 -30.31 48.64 3.43
N ARG D 3 -29.65 49.44 2.60
CA ARG D 3 -28.51 48.94 1.82
C ARG D 3 -27.25 49.77 1.95
N LEU D 4 -26.13 49.07 2.10
CA LEU D 4 -24.79 49.69 2.12
C LEU D 4 -23.94 49.00 1.08
N VAL D 5 -23.41 49.77 0.15
CA VAL D 5 -22.64 49.23 -0.97
C VAL D 5 -21.28 49.87 -1.06
N GLU D 6 -20.26 49.05 -0.96
CA GLU D 6 -18.89 49.51 -1.02
C GLU D 6 -18.39 49.44 -2.44
N SER D 7 -17.41 50.28 -2.77
CA SER D 7 -16.79 50.21 -4.09
C SER D 7 -15.45 50.89 -4.10
N GLY D 8 -14.61 50.45 -5.02
CA GLY D 8 -13.34 51.11 -5.21
C GLY D 8 -12.17 50.31 -4.81
N GLY D 9 -12.43 49.08 -4.38
CA GLY D 9 -11.36 48.21 -3.98
C GLY D 9 -10.60 47.66 -5.16
N GLY D 10 -9.44 47.10 -4.88
CA GLY D 10 -8.62 46.57 -5.93
C GLY D 10 -7.25 46.22 -5.44
N VAL D 11 -6.37 46.09 -6.41
CA VAL D 11 -5.00 45.71 -6.17
C VAL D 11 -4.15 46.94 -6.20
N VAL D 12 -3.12 46.92 -5.36
CA VAL D 12 -2.27 48.05 -5.24
C VAL D 12 -0.95 47.57 -4.68
N GLN D 13 0.09 48.31 -5.02
CA GLN D 13 1.43 48.00 -4.56
C GLN D 13 1.63 48.67 -3.24
N PRO D 14 2.55 48.17 -2.41
CA PRO D 14 2.83 48.78 -1.10
C PRO D 14 3.30 50.19 -1.37
N GLY D 15 2.77 51.14 -0.64
CA GLY D 15 3.12 52.54 -0.85
C GLY D 15 2.13 53.30 -1.74
N GLY D 16 1.12 52.58 -2.21
CA GLY D 16 0.12 53.16 -3.08
C GLY D 16 -1.10 53.73 -2.41
N SER D 17 -2.09 53.97 -3.28
CA SER D 17 -3.33 54.64 -2.98
C SER D 17 -4.63 54.11 -3.59
N LEU D 18 -5.69 54.16 -2.79
CA LEU D 18 -7.04 53.84 -3.22
C LEU D 18 -8.00 54.80 -2.59
N ARG D 19 -9.18 54.88 -3.19
CA ARG D 19 -10.29 55.67 -2.70
C ARG D 19 -11.51 54.75 -2.76
N LEU D 20 -12.09 54.50 -1.59
CA LEU D 20 -13.25 53.67 -1.47
C LEU D 20 -14.48 54.53 -1.30
N SER D 21 -15.64 53.95 -1.61
CA SER D 21 -16.93 54.60 -1.48
C SER D 21 -17.93 53.68 -0.85
N CYS D 22 -18.99 54.28 -0.31
CA CYS D 22 -20.06 53.58 0.35
C CYS D 22 -21.29 54.41 0.08
N GLU D 23 -22.25 53.81 -0.62
CA GLU D 23 -23.46 54.51 -0.95
C GLU D 23 -24.57 53.81 -0.22
N GLY D 24 -25.41 54.60 0.40
CA GLY D 24 -26.53 54.00 1.11
C GLY D 24 -27.82 54.33 0.42
N SER D 25 -28.84 53.55 0.75
CA SER D 25 -30.17 53.77 0.22
C SER D 25 -31.15 53.12 1.16
N GLY D 26 -32.39 53.61 1.10
CA GLY D 26 -33.43 53.05 1.95
C GLY D 26 -33.44 53.69 3.31
N PHE D 27 -32.66 54.74 3.45
CA PHE D 27 -32.63 55.46 4.69
C PHE D 27 -32.00 56.78 4.40
N LYS D 28 -32.24 57.65 5.35
CA LYS D 28 -31.74 59.01 5.36
C LYS D 28 -30.30 58.97 5.78
N PHE D 29 -29.46 59.06 4.76
CA PHE D 29 -28.04 58.96 4.91
C PHE D 29 -27.36 59.86 5.92
N GLY D 30 -27.80 61.11 5.99
CA GLY D 30 -27.19 62.08 6.87
C GLY D 30 -27.59 62.05 8.31
N ASP D 31 -28.40 61.06 8.62
CA ASP D 31 -28.88 60.80 9.93
C ASP D 31 -27.96 59.92 10.74
N HIS D 32 -26.90 59.46 10.15
CA HIS D 32 -26.25 58.34 10.71
C HIS D 32 -24.81 58.49 10.50
N GLY D 33 -23.98 58.28 11.47
CA GLY D 33 -22.60 58.02 11.17
C GLY D 33 -22.25 56.82 10.33
N ILE D 34 -21.09 56.82 9.75
CA ILE D 34 -20.60 55.72 8.98
C ILE D 34 -19.22 55.29 9.26
N HIS D 35 -19.08 54.02 9.56
CA HIS D 35 -17.81 53.48 9.94
C HIS D 35 -17.22 52.58 8.86
N TRP D 36 -15.91 52.35 8.97
CA TRP D 36 -15.21 51.36 8.15
C TRP D 36 -14.53 50.44 9.15
N VAL D 37 -14.70 49.16 8.90
CA VAL D 37 -14.14 48.07 9.67
C VAL D 37 -13.51 47.16 8.62
N ARG D 38 -12.40 46.55 9.02
CA ARG D 38 -11.74 45.69 8.08
C ARG D 38 -11.45 44.32 8.56
N GLN D 39 -11.38 43.42 7.59
CA GLN D 39 -11.08 42.05 7.87
C GLN D 39 -9.93 41.57 7.02
N ALA D 40 -8.81 41.37 7.69
CA ALA D 40 -7.63 40.86 7.04
C ALA D 40 -7.86 39.35 6.89
N PRO D 41 -7.34 38.74 5.80
CA PRO D 41 -7.50 37.31 5.49
C PRO D 41 -7.06 36.40 6.60
N GLY D 42 -7.97 35.52 7.00
CA GLY D 42 -7.73 34.62 8.11
C GLY D 42 -7.79 35.34 9.45
N GLU D 43 -8.37 36.54 9.49
CA GLU D 43 -8.44 37.30 10.73
C GLU D 43 -9.84 37.73 11.05
N GLY D 44 -9.95 38.49 12.14
CA GLY D 44 -11.22 39.00 12.58
C GLY D 44 -11.46 40.41 12.10
N LEU D 45 -12.12 41.18 12.95
CA LEU D 45 -12.46 42.53 12.59
C LEU D 45 -11.72 43.61 13.27
N GLN D 46 -11.39 44.63 12.48
CA GLN D 46 -10.74 45.78 13.03
C GLN D 46 -11.41 47.05 12.56
N TRP D 47 -11.85 47.84 13.53
CA TRP D 47 -12.42 49.14 13.25
C TRP D 47 -11.26 50.06 12.88
N LEU D 48 -11.54 51.00 11.98
CA LEU D 48 -10.53 51.96 11.54
C LEU D 48 -10.92 53.40 11.59
N THR D 49 -12.19 53.67 11.32
CA THR D 49 -12.64 55.04 11.26
C THR D 49 -14.13 55.23 11.14
N VAL D 50 -14.53 56.46 11.39
CA VAL D 50 -15.92 56.84 11.32
C VAL D 50 -16.02 58.30 11.03
N ILE D 51 -17.09 58.62 10.33
CA ILE D 51 -17.38 60.00 10.10
C ILE D 51 -18.81 60.21 10.61
N SER D 52 -19.00 61.35 11.26
CA SER D 52 -20.29 61.70 11.81
C SER D 52 -21.37 61.90 10.77
N SER D 53 -22.61 61.95 11.26
CA SER D 53 -23.79 62.15 10.43
C SER D 53 -23.73 63.42 9.63
N ASP D 54 -23.46 64.53 10.34
CA ASP D 54 -23.41 65.87 9.75
C ASP D 54 -22.08 66.18 9.08
N GLY D 55 -21.19 65.19 9.04
CA GLY D 55 -19.88 65.35 8.43
C GLY D 55 -18.85 66.24 9.14
N THR D 56 -19.11 66.63 10.40
CA THR D 56 -18.18 67.52 11.09
C THR D 56 -17.17 66.85 12.00
N ASP D 57 -17.38 65.57 12.29
CA ASP D 57 -16.44 64.87 13.11
C ASP D 57 -15.95 63.62 12.45
N GLU D 58 -14.68 63.36 12.68
CA GLU D 58 -14.02 62.19 12.11
C GLU D 58 -13.17 61.54 13.16
N ARG D 59 -13.15 60.23 13.19
CA ARG D 59 -12.31 59.53 14.16
C ARG D 59 -11.56 58.47 13.43
N TYR D 60 -10.33 58.23 13.86
CA TYR D 60 -9.45 57.26 13.21
C TYR D 60 -8.69 56.46 14.20
N THR D 61 -8.46 55.20 13.87
CA THR D 61 -7.64 54.37 14.73
C THR D 61 -6.16 54.82 14.55
N ASP D 62 -5.33 54.60 15.56
CA ASP D 62 -3.96 55.06 15.49
C ASP D 62 -3.17 54.74 14.25
N SER D 63 -3.27 53.49 13.80
CA SER D 63 -2.49 53.06 12.66
C SER D 63 -2.77 53.57 11.23
N VAL D 64 -3.84 54.33 11.01
CA VAL D 64 -4.10 54.85 9.68
C VAL D 64 -4.09 56.37 9.68
N LYS D 65 -3.83 56.90 10.86
CA LYS D 65 -3.73 58.34 11.08
C LYS D 65 -2.59 58.87 10.24
N GLY D 66 -2.94 59.84 9.42
CA GLY D 66 -1.99 60.44 8.51
C GLY D 66 -2.01 59.80 7.16
N ARG D 67 -2.85 58.78 6.98
CA ARG D 67 -2.91 58.06 5.71
C ARG D 67 -4.30 57.97 5.16
N PHE D 68 -5.27 57.86 6.07
CA PHE D 68 -6.67 57.74 5.70
C PHE D 68 -7.47 58.94 6.02
N THR D 69 -8.27 59.35 5.05
CA THR D 69 -9.16 60.47 5.25
C THR D 69 -10.54 60.12 4.85
N ILE D 70 -11.43 60.22 5.82
CA ILE D 70 -12.84 59.98 5.60
C ILE D 70 -13.59 61.28 5.32
N SER D 71 -14.53 61.23 4.38
CA SER D 71 -15.36 62.37 4.05
C SER D 71 -16.73 61.89 3.60
N ARG D 72 -17.67 62.81 3.48
CA ARG D 72 -19.00 62.44 3.01
C ARG D 72 -19.78 63.51 2.26
N ASP D 73 -20.75 63.06 1.49
CA ASP D 73 -21.63 63.95 0.77
C ASP D 73 -23.04 63.45 0.97
N ASN D 74 -23.71 64.08 1.93
CA ASN D 74 -25.06 63.72 2.29
C ASN D 74 -26.13 63.98 1.24
N SER D 75 -25.86 64.95 0.36
CA SER D 75 -26.79 65.26 -0.72
C SER D 75 -26.71 64.15 -1.77
N LYS D 76 -25.58 63.42 -1.79
CA LYS D 76 -25.41 62.34 -2.75
C LYS D 76 -25.39 60.94 -2.17
N ASN D 77 -25.75 60.82 -0.89
CA ASN D 77 -25.72 59.59 -0.12
C ASN D 77 -24.42 58.83 -0.18
N THR D 78 -23.31 59.52 -0.36
CA THR D 78 -22.04 58.79 -0.44
C THR D 78 -21.10 59.20 0.62
N MET D 79 -20.14 58.33 0.83
CA MET D 79 -19.13 58.57 1.79
C MET D 79 -17.87 58.06 1.12
N SER D 80 -16.74 58.71 1.37
CA SER D 80 -15.50 58.29 0.77
C SER D 80 -14.36 58.09 1.74
N LEU D 81 -13.48 57.19 1.33
CA LEU D 81 -12.33 56.83 2.08
C LEU D 81 -11.06 56.87 1.23
N GLN D 82 -10.21 57.83 1.57
CA GLN D 82 -8.96 58.04 0.86
C GLN D 82 -7.83 57.42 1.64
N MET D 83 -7.26 56.42 0.99
CA MET D 83 -6.24 55.61 1.57
C MET D 83 -4.97 55.73 0.85
N ASN D 84 -4.01 56.35 1.51
CA ASN D 84 -2.70 56.54 0.95
C ASN D 84 -1.72 55.73 1.72
N ASN D 85 -0.66 55.33 1.03
CA ASN D 85 0.46 54.62 1.64
C ASN D 85 0.16 53.31 2.23
N LEU D 86 -0.37 52.46 1.38
CA LEU D 86 -0.79 51.18 1.87
C LEU D 86 0.31 50.25 2.24
N ARG D 87 0.08 49.55 3.34
CA ARG D 87 1.04 48.59 3.82
C ARG D 87 0.30 47.27 3.62
N PRO D 88 0.98 46.15 3.81
CA PRO D 88 0.30 44.85 3.65
C PRO D 88 -0.69 44.56 4.76
N GLU D 89 -0.51 45.20 5.91
CA GLU D 89 -1.44 45.04 7.02
C GLU D 89 -2.76 45.72 6.68
N ASP D 90 -2.77 46.52 5.63
CA ASP D 90 -3.97 47.21 5.21
C ASP D 90 -4.82 46.33 4.36
N MET D 91 -4.22 45.26 3.88
CA MET D 91 -4.86 44.33 3.01
C MET D 91 -6.05 43.64 3.59
N GLY D 92 -7.17 43.75 2.88
CA GLY D 92 -8.31 43.02 3.34
C GLY D 92 -9.63 43.42 2.78
N LEU D 93 -10.65 42.87 3.42
CA LEU D 93 -12.01 43.14 3.07
C LEU D 93 -12.45 44.30 3.93
N TYR D 94 -12.91 45.33 3.25
CA TYR D 94 -13.36 46.55 3.90
C TYR D 94 -14.86 46.69 3.82
N TYR D 95 -15.46 46.82 5.00
CA TYR D 95 -16.90 46.97 5.17
C TYR D 95 -17.29 48.36 5.64
N CYS D 96 -18.38 48.91 5.09
CA CYS D 96 -18.90 50.16 5.64
C CYS D 96 -20.08 49.70 6.47
N ALA D 97 -20.25 50.36 7.60
CA ALA D 97 -21.30 50.00 8.53
C ALA D 97 -21.92 51.21 9.10
N ARG D 98 -23.23 51.16 9.22
CA ARG D 98 -23.97 52.26 9.73
C ARG D 98 -23.88 52.42 11.24
N ASP D 99 -23.62 53.64 11.69
CA ASP D 99 -23.64 53.88 13.13
C ASP D 99 -25.12 53.98 13.52
N GLY D 100 -25.50 53.22 14.55
CA GLY D 100 -26.84 53.26 15.07
C GLY D 100 -27.15 54.72 15.41
N LYS D 101 -28.39 55.12 15.15
CA LYS D 101 -28.85 56.48 15.35
C LYS D 101 -28.84 56.98 16.77
N CYS D 102 -28.16 58.09 16.98
CA CYS D 102 -28.14 58.65 18.31
C CYS D 102 -29.15 59.78 18.36
N GLY D 103 -29.46 60.20 19.59
CA GLY D 103 -30.53 61.14 19.79
C GLY D 103 -30.41 62.62 19.78
N GLY D 104 -29.37 63.12 20.44
CA GLY D 104 -29.14 64.53 20.62
C GLY D 104 -28.60 65.34 19.49
N GLY D 105 -27.90 64.70 18.57
CA GLY D 105 -27.38 65.44 17.45
C GLY D 105 -25.88 65.64 17.31
N ARG D 106 -25.10 65.63 18.38
CA ARG D 106 -23.65 65.79 18.13
C ARG D 106 -23.08 64.62 18.81
N CYS D 107 -23.42 63.51 18.18
CA CYS D 107 -23.22 62.27 18.80
C CYS D 107 -22.93 61.13 17.84
N TYR D 108 -22.49 60.02 18.43
CA TYR D 108 -22.33 58.77 17.73
C TYR D 108 -22.79 57.82 18.80
N SER D 109 -23.23 56.65 18.36
CA SER D 109 -23.66 55.58 19.23
C SER D 109 -22.57 54.52 19.37
N GLY D 110 -21.71 54.35 18.36
CA GLY D 110 -20.67 53.32 18.41
C GLY D 110 -21.17 51.91 18.17
N LEU D 111 -22.37 51.85 17.64
CA LEU D 111 -23.04 50.59 17.35
C LEU D 111 -23.24 50.52 15.86
N LEU D 112 -22.85 49.39 15.28
CA LEU D 112 -22.93 49.21 13.83
C LEU D 112 -24.12 48.37 13.50
N ASP D 113 -25.23 49.06 13.27
CA ASP D 113 -26.47 48.36 13.01
C ASP D 113 -26.69 47.66 11.69
N TYR D 114 -26.10 48.18 10.61
CA TYR D 114 -26.25 47.55 9.30
C TYR D 114 -24.95 47.59 8.62
N TRP D 115 -24.60 46.48 8.01
CA TRP D 115 -23.32 46.40 7.33
C TRP D 115 -23.47 46.10 5.90
N GLY D 116 -22.40 46.43 5.20
CA GLY D 116 -22.33 46.15 3.80
C GLY D 116 -21.64 44.82 3.63
N GLN D 117 -21.44 44.43 2.39
CA GLN D 117 -20.83 43.16 2.08
C GLN D 117 -19.35 43.18 1.95
N GLY D 118 -18.82 44.37 1.72
CA GLY D 118 -17.40 44.54 1.62
C GLY D 118 -16.83 44.63 0.22
N THR D 119 -15.73 45.37 0.12
CA THR D 119 -14.97 45.43 -1.11
C THR D 119 -13.55 45.12 -0.74
N MET D 120 -12.95 44.31 -1.58
CA MET D 120 -11.60 43.81 -1.34
C MET D 120 -10.44 44.71 -1.67
N VAL D 121 -9.51 44.82 -0.73
CA VAL D 121 -8.29 45.59 -0.92
C VAL D 121 -7.14 44.63 -0.83
N THR D 122 -6.35 44.63 -1.88
CA THR D 122 -5.22 43.73 -2.02
C THR D 122 -3.95 44.58 -2.10
N VAL D 123 -2.92 44.18 -1.37
CA VAL D 123 -1.66 44.92 -1.32
C VAL D 123 -0.57 43.93 -1.62
N SER D 124 0.15 44.17 -2.70
CA SER D 124 1.20 43.24 -3.12
C SER D 124 2.10 43.85 -4.14
N SER D 125 3.35 43.43 -4.13
CA SER D 125 4.33 43.93 -5.10
C SER D 125 4.22 43.18 -6.42
N ALA D 126 3.53 42.03 -6.36
CA ALA D 126 3.33 41.18 -7.50
C ALA D 126 2.67 41.86 -8.67
N SER D 127 3.04 41.37 -9.83
CA SER D 127 2.50 41.84 -11.07
C SER D 127 1.46 40.82 -11.45
N PHE D 128 0.42 41.29 -12.10
CA PHE D 128 -0.70 40.48 -12.52
C PHE D 128 -0.24 39.38 -13.42
N LYS D 129 -0.75 38.19 -13.17
CA LYS D 129 -0.43 37.07 -14.03
C LYS D 129 -1.46 35.98 -14.03
N GLY D 130 -1.59 35.41 -15.23
CA GLY D 130 -2.50 34.31 -15.48
C GLY D 130 -1.85 33.01 -15.04
N PRO D 131 -2.66 32.06 -14.61
CA PRO D 131 -2.17 30.77 -14.16
C PRO D 131 -1.89 29.75 -15.24
N SER D 132 -1.23 28.69 -14.82
CA SER D 132 -0.98 27.55 -15.68
C SER D 132 -1.96 26.51 -15.16
N VAL D 133 -2.67 25.85 -16.08
CA VAL D 133 -3.65 24.85 -15.69
C VAL D 133 -3.24 23.46 -16.05
N PHE D 134 -3.23 22.61 -15.03
CA PHE D 134 -2.84 21.22 -15.17
C PHE D 134 -3.83 20.23 -14.69
N PRO D 135 -3.88 19.09 -15.38
CA PRO D 135 -4.76 18.00 -15.05
C PRO D 135 -4.30 17.07 -13.98
N LEU D 136 -5.31 16.59 -13.26
CA LEU D 136 -5.14 15.57 -12.24
C LEU D 136 -6.00 14.40 -12.70
N ALA D 137 -5.33 13.34 -13.13
CA ALA D 137 -5.96 12.13 -13.66
C ALA D 137 -6.61 11.18 -12.65
N THR D 147 -16.55 4.78 -7.52
CA THR D 147 -16.00 6.13 -7.53
C THR D 147 -14.53 6.47 -7.73
N ALA D 148 -14.43 7.50 -8.54
CA ALA D 148 -13.17 8.02 -8.98
C ALA D 148 -13.11 9.51 -8.83
N ALA D 149 -11.92 10.03 -9.05
CA ALA D 149 -11.69 11.45 -8.91
C ALA D 149 -10.71 12.05 -9.85
N LEU D 150 -10.97 13.30 -10.23
CA LEU D 150 -10.04 14.04 -11.04
C LEU D 150 -10.08 15.51 -10.73
N GLY D 151 -9.16 16.25 -11.33
CA GLY D 151 -9.12 17.66 -11.08
C GLY D 151 -8.18 18.46 -11.91
N CYS D 152 -8.17 19.75 -11.62
CA CYS D 152 -7.30 20.64 -12.31
C CYS D 152 -6.56 21.42 -11.26
N LEU D 153 -5.28 21.55 -11.54
CA LEU D 153 -4.35 22.24 -10.70
C LEU D 153 -4.18 23.62 -11.30
N VAL D 154 -4.50 24.65 -10.53
CA VAL D 154 -4.42 26.04 -10.98
C VAL D 154 -3.30 26.76 -10.30
N LYS D 155 -2.30 26.97 -11.13
CA LYS D 155 -1.04 27.43 -10.66
C LYS D 155 -0.40 28.72 -11.03
N ASP D 156 0.05 29.38 -9.97
CA ASP D 156 0.84 30.58 -10.07
C ASP D 156 0.25 31.83 -10.65
N TYR D 157 -0.83 32.27 -10.05
CA TYR D 157 -1.46 33.42 -10.59
C TYR D 157 -1.52 34.54 -9.63
N PHE D 158 -1.85 35.69 -10.19
CA PHE D 158 -2.04 36.88 -9.42
C PHE D 158 -2.91 37.86 -10.23
N PRO D 159 -3.97 38.35 -9.61
CA PRO D 159 -4.43 38.06 -8.25
C PRO D 159 -5.61 37.20 -8.15
N GLU D 160 -6.16 37.18 -6.94
CA GLU D 160 -7.40 36.50 -6.69
C GLU D 160 -8.52 37.39 -7.31
N PRO D 161 -9.62 36.78 -7.78
CA PRO D 161 -9.89 35.33 -7.77
C PRO D 161 -9.94 34.61 -9.10
N VAL D 162 -10.04 33.28 -8.99
CA VAL D 162 -10.28 32.47 -10.17
C VAL D 162 -11.54 31.68 -9.88
N THR D 163 -12.19 31.24 -10.94
CA THR D 163 -13.35 30.39 -10.77
C THR D 163 -13.10 29.21 -11.62
N VAL D 164 -13.70 28.10 -11.21
CA VAL D 164 -13.56 26.84 -11.94
C VAL D 164 -14.90 26.19 -12.04
N SER D 165 -15.31 25.93 -13.26
CA SER D 165 -16.55 25.23 -13.51
C SER D 165 -16.08 23.95 -14.11
N TRP D 166 -16.94 22.94 -14.02
CA TRP D 166 -16.63 21.68 -14.67
C TRP D 166 -17.65 21.50 -15.74
N ASN D 167 -17.14 21.06 -16.88
CA ASN D 167 -17.92 20.90 -18.11
C ASN D 167 -18.93 21.99 -18.37
N SER D 168 -18.46 23.23 -18.29
CA SER D 168 -19.24 24.39 -18.63
C SER D 168 -20.50 24.68 -17.85
N GLY D 169 -20.56 24.10 -16.65
CA GLY D 169 -21.66 24.36 -15.74
C GLY D 169 -22.57 23.21 -15.48
N ALA D 170 -22.48 22.21 -16.36
CA ALA D 170 -23.32 21.02 -16.34
C ALA D 170 -23.02 20.12 -15.17
N LEU D 171 -21.72 19.93 -15.00
CA LEU D 171 -21.20 19.12 -13.93
C LEU D 171 -21.06 20.00 -12.71
N THR D 172 -21.84 19.64 -11.71
CA THR D 172 -21.94 20.45 -10.54
C THR D 172 -21.81 19.71 -9.22
N SER D 173 -22.09 18.41 -9.31
CA SER D 173 -22.14 17.60 -8.14
C SER D 173 -20.82 17.06 -7.66
N GLY D 174 -20.51 17.37 -6.41
CA GLY D 174 -19.30 16.87 -5.82
C GLY D 174 -18.01 17.53 -6.26
N VAL D 175 -18.13 18.76 -6.76
CA VAL D 175 -16.96 19.53 -7.14
C VAL D 175 -16.43 20.16 -5.88
N HIS D 176 -15.12 20.19 -5.78
CA HIS D 176 -14.46 20.82 -4.67
C HIS D 176 -13.34 21.66 -5.14
N THR D 177 -13.58 22.96 -5.10
CA THR D 177 -12.59 23.95 -5.47
C THR D 177 -12.00 24.49 -4.17
N PHE D 178 -10.73 24.20 -3.99
CA PHE D 178 -10.00 24.57 -2.80
C PHE D 178 -9.56 25.96 -2.78
N PRO D 179 -9.52 26.54 -1.58
CA PRO D 179 -9.07 27.90 -1.39
C PRO D 179 -7.61 27.92 -1.78
N ALA D 180 -7.24 28.98 -2.48
CA ALA D 180 -5.89 29.16 -2.94
C ALA D 180 -4.87 29.36 -1.84
N VAL D 181 -3.67 28.92 -2.13
CA VAL D 181 -2.61 29.10 -1.19
C VAL D 181 -1.63 30.04 -1.79
N LEU D 182 -1.32 31.05 -0.99
CA LEU D 182 -0.37 32.06 -1.39
C LEU D 182 1.01 31.57 -1.11
N GLN D 183 1.79 31.52 -2.18
CA GLN D 183 3.14 31.05 -2.12
C GLN D 183 4.08 32.16 -1.82
N SER D 184 5.33 31.79 -1.58
CA SER D 184 6.39 32.74 -1.22
C SER D 184 6.76 33.65 -2.36
N SER D 185 6.40 33.20 -3.57
CA SER D 185 6.58 33.97 -4.79
C SER D 185 5.56 35.11 -4.84
N GLY D 186 4.49 35.03 -4.05
CA GLY D 186 3.45 36.06 -4.09
C GLY D 186 2.34 35.64 -5.07
N LEU D 187 2.55 34.53 -5.75
CA LEU D 187 1.55 33.98 -6.65
C LEU D 187 0.71 33.03 -5.83
N TYR D 188 -0.48 32.72 -6.36
CA TYR D 188 -1.44 31.83 -5.73
C TYR D 188 -1.56 30.53 -6.51
N SER D 189 -1.99 29.46 -5.84
CA SER D 189 -2.25 28.21 -6.54
C SER D 189 -3.38 27.50 -5.91
N LEU D 190 -4.11 26.74 -6.72
CA LEU D 190 -5.18 25.92 -6.19
C LEU D 190 -5.50 24.70 -6.98
N SER D 191 -6.38 23.92 -6.37
CA SER D 191 -6.87 22.71 -6.95
C SER D 191 -8.35 22.74 -6.89
N SER D 192 -8.94 22.23 -7.96
CA SER D 192 -10.38 22.02 -8.01
C SER D 192 -10.51 20.56 -8.40
N VAL D 193 -11.34 19.85 -7.66
CA VAL D 193 -11.52 18.43 -7.89
C VAL D 193 -12.99 18.04 -7.98
N VAL D 194 -13.22 16.84 -8.49
CA VAL D 194 -14.58 16.34 -8.60
C VAL D 194 -14.63 14.83 -8.54
N THR D 195 -15.64 14.30 -7.86
CA THR D 195 -15.81 12.86 -7.81
C THR D 195 -16.81 12.39 -8.86
N VAL D 196 -16.46 11.27 -9.47
CA VAL D 196 -17.27 10.69 -10.50
C VAL D 196 -17.26 9.18 -10.48
N PRO D 197 -18.39 8.56 -10.84
CA PRO D 197 -18.58 7.10 -10.92
C PRO D 197 -17.51 6.62 -11.92
N SER D 198 -16.66 5.69 -11.47
CA SER D 198 -15.55 5.14 -12.26
C SER D 198 -16.03 4.66 -13.61
N SER D 199 -17.27 4.19 -13.58
CA SER D 199 -18.04 3.76 -14.74
C SER D 199 -17.80 4.78 -15.86
N GLN D 204 -16.76 8.91 -21.05
CA GLN D 204 -17.23 10.29 -20.86
C GLN D 204 -16.12 11.31 -20.64
N THR D 205 -16.43 12.51 -21.11
CA THR D 205 -15.51 13.63 -21.13
C THR D 205 -15.53 14.67 -20.01
N TYR D 206 -14.33 14.91 -19.45
CA TYR D 206 -14.18 15.88 -18.37
C TYR D 206 -13.25 17.02 -18.66
N ILE D 207 -13.80 18.21 -18.44
CA ILE D 207 -13.12 19.48 -18.72
C ILE D 207 -13.34 20.51 -17.60
N CYS D 208 -12.23 21.09 -17.16
CA CYS D 208 -12.28 22.13 -16.14
C CYS D 208 -12.16 23.45 -16.88
N ASN D 209 -13.08 24.36 -16.55
CA ASN D 209 -13.11 25.68 -17.16
C ASN D 209 -12.54 26.61 -16.13
N VAL D 210 -11.39 27.17 -16.45
CA VAL D 210 -10.75 28.06 -15.54
C VAL D 210 -10.79 29.46 -16.06
N ASN D 211 -11.28 30.33 -15.18
CA ASN D 211 -11.37 31.71 -15.49
C ASN D 211 -10.68 32.54 -14.47
N HIS D 212 -9.74 33.32 -14.99
CA HIS D 212 -9.03 34.26 -14.20
C HIS D 212 -9.18 35.64 -14.87
N LYS D 213 -10.35 36.22 -14.64
CA LYS D 213 -10.74 37.54 -15.11
C LYS D 213 -9.72 38.68 -14.91
N PRO D 214 -9.12 38.85 -13.69
CA PRO D 214 -8.15 39.95 -13.52
C PRO D 214 -7.02 39.99 -14.55
N SER D 215 -6.65 38.83 -15.12
CA SER D 215 -5.63 38.80 -16.15
C SER D 215 -6.13 38.38 -17.52
N ASN D 216 -7.45 38.44 -17.72
CA ASN D 216 -8.13 38.05 -18.98
C ASN D 216 -7.58 36.71 -19.47
N THR D 217 -7.44 35.80 -18.51
CA THR D 217 -6.93 34.49 -18.75
C THR D 217 -8.05 33.51 -18.61
N LYS D 218 -8.17 32.69 -19.62
CA LYS D 218 -9.18 31.67 -19.71
C LYS D 218 -8.60 30.43 -20.35
N VAL D 219 -8.70 29.34 -19.61
CA VAL D 219 -8.14 28.06 -20.02
C VAL D 219 -9.11 26.92 -19.79
N ASP D 220 -9.25 26.10 -20.82
CA ASP D 220 -10.10 24.94 -20.69
C ASP D 220 -9.20 23.73 -20.83
N LYS D 221 -9.34 22.83 -19.87
CA LYS D 221 -8.49 21.68 -19.89
C LYS D 221 -9.11 20.34 -19.84
N LYS D 222 -8.58 19.48 -20.71
CA LYS D 222 -9.00 18.10 -20.79
C LYS D 222 -8.29 17.24 -19.80
N VAL D 223 -9.09 16.58 -18.99
CA VAL D 223 -8.59 15.69 -17.98
C VAL D 223 -9.03 14.32 -18.44
N GLU D 224 -8.06 13.45 -18.73
CA GLU D 224 -8.43 12.11 -19.15
C GLU D 224 -7.83 10.92 -18.43
N THR E 2 -14.04 -18.42 9.40
CA THR E 2 -12.69 -18.92 9.80
C THR E 2 -11.69 -17.84 9.48
N ILE E 3 -10.89 -17.65 10.51
CA ILE E 3 -10.07 -16.50 10.62
C ILE E 3 -9.10 -16.78 11.80
N TYR E 4 -7.82 -16.59 11.55
CA TYR E 4 -6.79 -16.90 12.51
C TYR E 4 -6.31 -15.76 13.37
N ASN E 5 -5.74 -16.11 14.52
CA ASN E 5 -5.25 -15.11 15.46
C ASN E 5 -4.07 -14.33 14.91
N THR E 6 -3.97 -13.05 15.29
CA THR E 6 -2.84 -12.24 14.81
C THR E 6 -1.57 -12.43 15.59
N THR E 7 -0.51 -12.49 14.81
CA THR E 7 0.83 -12.70 15.33
C THR E 7 1.77 -11.59 14.90
N LEU E 8 1.42 -10.86 13.84
CA LEU E 8 2.20 -9.69 13.44
C LEU E 8 1.36 -8.60 12.87
N LYS E 9 1.84 -7.41 13.21
CA LYS E 9 1.24 -6.14 12.97
C LYS E 9 2.18 -5.09 12.40
N TYR E 10 1.57 -4.09 11.76
CA TYR E 10 2.33 -3.02 11.13
C TYR E 10 1.64 -1.65 11.25
N NH2 E 11 0.68 -1.54 12.17
N THR F 2 -36.62 54.02 17.38
CA THR F 2 -35.44 53.27 17.92
C THR F 2 -34.13 54.08 17.82
N ILE F 3 -33.67 54.49 18.98
CA ILE F 3 -32.51 55.33 19.12
C ILE F 3 -31.54 54.58 20.01
N TYR F 4 -30.25 54.62 19.67
CA TYR F 4 -29.26 53.97 20.50
C TYR F 4 -28.59 55.03 21.35
N ASN F 5 -28.18 54.65 22.56
CA ASN F 5 -27.54 55.59 23.47
C ASN F 5 -26.25 56.17 22.91
N THR F 6 -26.03 57.42 23.25
CA THR F 6 -24.91 58.19 22.84
C THR F 6 -23.66 57.81 23.64
N THR F 7 -22.60 57.47 22.91
CA THR F 7 -21.35 57.06 23.55
C THR F 7 -20.16 57.90 23.14
N LEU F 8 -20.41 58.97 22.38
CA LEU F 8 -19.35 59.85 21.96
C LEU F 8 -19.91 61.17 21.48
N LYS F 9 -19.51 62.26 22.12
CA LYS F 9 -19.98 63.60 21.74
C LYS F 9 -18.83 64.48 21.22
N TYR F 10 -19.20 65.45 20.39
CA TYR F 10 -18.22 66.35 19.80
C TYR F 10 -18.67 67.81 19.70
N NH2 F 11 -19.96 68.03 19.82
C1 GOL G . 5.12 6.64 11.31
O1 GOL G . 5.31 8.01 11.62
C2 GOL G . 6.15 6.20 10.28
O2 GOL G . 5.50 5.92 9.06
C3 GOL G . 6.87 4.95 10.78
O3 GOL G . 6.30 4.55 12.00
C1 GOL H . -31.34 33.66 11.47
O1 GOL H . -32.73 33.56 11.46
C2 GOL H . -30.94 34.52 12.64
O2 GOL H . -30.32 35.73 12.25
C3 GOL H . -30.00 33.67 13.44
O3 GOL H . -29.49 32.74 12.57
#